data_4CJX
#
_entry.id   4CJX
#
_cell.length_a   58.220
_cell.length_b   77.325
_cell.length_c   128.908
_cell.angle_alpha   90.00
_cell.angle_beta   90.00
_cell.angle_gamma   90.00
#
_symmetry.space_group_name_H-M   'P 21 21 21'
#
loop_
_entity.id
_entity.type
_entity.pdbx_description
1 polymer 'C-1-TETRAHYDROFOLATE SYNTHASE, CYTOPLASMIC, PUTATIVE'
2 non-polymer GLYCEROL
3 non-polymer DI(HYDROXYETHYL)ETHER
4 non-polymer '(2S)-2-[[4-[[2,4-bis(azanyl)-6-oxidanylidene-1H-pyrimidin-5-yl]carbamoylamino]phenyl]carbonylamino]pentanedioic acid'
5 non-polymer 'NADP NICOTINAMIDE-ADENINE-DINUCLEOTIDE PHOSPHATE'
6 water water
#
_entity_poly.entity_id   1
_entity_poly.type   'polypeptide(L)'
_entity_poly.pdbx_seq_one_letter_code
;MGSSHHHHHHSSGENLYFQGHMPEAVVIDGRAVAKAIQKELTEEVALLERRYKGRRPGLSTIICGKRKDSQTYVRLKRKA
AAACGFRNFSVELPANVTQEALEREVIRLNEEEACHSIVVQLPLPPHIDKVAALSKIKPEKDADCLLPVNVGQLHIRERN
PAIVPCTASAVMELLRCSGVEICGKRVVVLGRGDIAGLPVATLLANEDATVTVVHSATPLCDIADIVRASDIVVSAAGQP
GLVRGEWIKLGAAVIDVGTTPVADPSKVPGYRLVGDVCFDVARKRAAYITPVPGGVGPVTVSMLLKNTLTMFKRSVRAL
;
_entity_poly.pdbx_strand_id   A,B
#
loop_
_chem_comp.id
_chem_comp.type
_chem_comp.name
_chem_comp.formula
9L9 non-polymer '(2S)-2-[[4-[[2,4-bis(azanyl)-6-oxidanylidene-1H-pyrimidin-5-yl]carbamoylamino]phenyl]carbonylamino]pentanedioic acid' 'C17 H19 N7 O7'
GOL non-polymer GLYCEROL 'C3 H8 O3'
NAP non-polymer 'NADP NICOTINAMIDE-ADENINE-DINUCLEOTIDE PHOSPHATE' 'C21 H28 N7 O17 P3'
PEG non-polymer DI(HYDROXYETHYL)ETHER 'C4 H10 O3'
#
# COMPACT_ATOMS: atom_id res chain seq x y z
N MET A 22 34.37 13.86 -16.84
CA MET A 22 33.88 14.41 -18.15
C MET A 22 32.74 13.57 -18.78
N PRO A 23 32.74 12.22 -18.60
CA PRO A 23 31.50 11.47 -18.84
C PRO A 23 30.49 11.81 -17.76
N GLU A 24 29.21 11.79 -18.11
CA GLU A 24 28.20 12.31 -17.21
C GLU A 24 26.88 11.61 -17.40
N ALA A 25 25.99 11.74 -16.42
CA ALA A 25 24.66 11.15 -16.50
C ALA A 25 23.91 11.66 -17.73
N VAL A 26 23.06 10.80 -18.28
CA VAL A 26 22.04 11.22 -19.21
C VAL A 26 21.00 12.00 -18.44
N VAL A 27 20.71 13.20 -18.92
CA VAL A 27 19.68 14.05 -18.32
C VAL A 27 18.34 13.77 -19.00
N ILE A 28 17.41 13.18 -18.27
CA ILE A 28 16.18 12.71 -18.88
C ILE A 28 15.24 13.87 -19.15
N ASP A 29 14.73 13.94 -20.37
CA ASP A 29 14.01 15.11 -20.81
C ASP A 29 12.53 14.86 -20.64
N GLY A 30 12.04 15.27 -19.48
CA GLY A 30 10.63 15.12 -19.15
C GLY A 30 9.69 15.80 -20.12
N ARG A 31 10.10 16.94 -20.66
CA ARG A 31 9.17 17.72 -21.50
C ARG A 31 8.89 16.94 -22.77
N ALA A 32 9.91 16.34 -23.34
CA ALA A 32 9.78 15.54 -24.54
C ALA A 32 8.93 14.28 -24.32
N VAL A 33 9.10 13.62 -23.19
CA VAL A 33 8.24 12.49 -22.87
C VAL A 33 6.78 12.95 -22.80
N ALA A 34 6.54 14.01 -22.04
CA ALA A 34 5.21 14.52 -21.83
C ALA A 34 4.51 14.91 -23.15
N LYS A 35 5.27 15.45 -24.08
CA LYS A 35 4.76 15.88 -25.37
C LYS A 35 4.40 14.67 -26.23
N ALA A 36 5.26 13.67 -26.25
CA ALA A 36 4.94 12.39 -26.91
C ALA A 36 3.62 11.80 -26.40
N ILE A 37 3.44 11.75 -25.08
CA ILE A 37 2.23 11.15 -24.50
C ILE A 37 1.01 11.96 -24.93
N GLN A 38 1.13 13.28 -24.88
CA GLN A 38 0.01 14.16 -25.16
C GLN A 38 -0.42 14.17 -26.62
N LYS A 39 0.52 14.00 -27.54
CA LYS A 39 0.13 13.85 -28.95
C LYS A 39 -0.71 12.56 -29.16
N GLU A 40 -0.38 11.51 -28.41
CA GLU A 40 -1.15 10.27 -28.45
C GLU A 40 -2.58 10.47 -27.90
N LEU A 41 -2.66 11.12 -26.74
CA LEU A 41 -3.94 11.40 -26.09
C LEU A 41 -4.85 12.26 -26.98
N THR A 42 -4.24 13.23 -27.68
CA THR A 42 -4.97 14.14 -28.54
C THR A 42 -5.65 13.43 -29.71
N GLU A 43 -4.92 12.54 -30.36
CA GLU A 43 -5.50 11.66 -31.38
C GLU A 43 -6.66 10.81 -30.86
N GLU A 44 -6.45 10.23 -29.68
CA GLU A 44 -7.42 9.36 -29.04
C GLU A 44 -8.73 10.10 -28.75
N VAL A 45 -8.62 11.30 -28.18
CA VAL A 45 -9.77 12.14 -27.92
C VAL A 45 -10.48 12.50 -29.23
N ALA A 46 -9.72 12.80 -30.27
CA ALA A 46 -10.32 13.21 -31.52
C ALA A 46 -11.25 12.11 -32.04
N LEU A 47 -10.80 10.86 -32.00
CA LEU A 47 -11.61 9.78 -32.54
C LEU A 47 -12.84 9.51 -31.67
N LEU A 48 -12.68 9.51 -30.35
CA LEU A 48 -13.81 9.29 -29.43
C LEU A 48 -14.91 10.36 -29.58
N GLU A 49 -14.50 11.59 -29.90
CA GLU A 49 -15.42 12.71 -30.06
C GLU A 49 -16.25 12.50 -31.31
N ARG A 50 -15.65 11.89 -32.33
CA ARG A 50 -16.42 11.48 -33.53
C ARG A 50 -17.30 10.26 -33.22
N ARG A 51 -16.76 9.28 -32.51
CA ARG A 51 -17.53 8.07 -32.15
C ARG A 51 -18.74 8.37 -31.28
N TYR A 52 -18.56 9.25 -30.30
CA TYR A 52 -19.63 9.51 -29.35
C TYR A 52 -20.30 10.86 -29.56
N LYS A 53 -20.35 11.30 -30.81
CA LYS A 53 -21.03 12.54 -31.26
C LYS A 53 -20.96 13.73 -30.30
N GLY A 54 -19.74 14.16 -30.00
CA GLY A 54 -19.54 15.39 -29.28
C GLY A 54 -18.98 15.22 -27.89
N ARG A 55 -19.31 14.11 -27.23
CA ARG A 55 -18.82 13.90 -25.89
C ARG A 55 -17.31 13.92 -25.86
N ARG A 56 -16.78 14.36 -24.73
CA ARG A 56 -15.33 14.41 -24.54
CA ARG A 56 -15.34 14.41 -24.53
C ARG A 56 -14.97 14.40 -23.05
N PRO A 57 -13.73 13.98 -22.74
CA PRO A 57 -13.29 13.93 -21.36
C PRO A 57 -13.32 15.31 -20.67
N GLY A 58 -13.85 15.31 -19.46
CA GLY A 58 -14.06 16.50 -18.69
C GLY A 58 -13.21 16.41 -17.46
N LEU A 59 -12.36 17.39 -17.26
CA LEU A 59 -11.43 17.46 -16.14
C LEU A 59 -11.77 18.67 -15.31
N SER A 60 -12.02 18.47 -14.02
CA SER A 60 -12.19 19.57 -13.09
C SER A 60 -10.94 19.71 -12.23
N THR A 61 -10.46 20.94 -12.09
CA THR A 61 -9.32 21.22 -11.24
C THR A 61 -9.77 22.26 -10.23
N ILE A 62 -9.69 21.93 -8.95
CA ILE A 62 -10.11 22.82 -7.90
C ILE A 62 -8.87 23.35 -7.21
N ILE A 63 -8.73 24.68 -7.16
CA ILE A 63 -7.64 25.30 -6.40
C ILE A 63 -8.26 26.18 -5.30
N CYS A 64 -7.74 26.00 -4.08
CA CYS A 64 -8.09 26.82 -2.93
C CYS A 64 -6.96 27.79 -2.61
N GLY A 65 -7.27 29.07 -2.48
CA GLY A 65 -6.24 30.08 -2.21
C GLY A 65 -5.40 30.44 -3.43
N LYS A 66 -4.29 31.11 -3.20
CA LYS A 66 -3.48 31.68 -4.25
C LYS A 66 -1.99 31.33 -4.13
N ARG A 67 -1.63 30.13 -3.68
CA ARG A 67 -0.19 29.76 -3.73
C ARG A 67 0.28 29.87 -5.18
N LYS A 68 1.38 30.59 -5.41
CA LYS A 68 1.85 30.79 -6.78
C LYS A 68 2.22 29.49 -7.46
N ASP A 69 2.81 28.57 -6.71
CA ASP A 69 3.18 27.28 -7.30
C ASP A 69 1.96 26.46 -7.67
N SER A 70 1.01 26.39 -6.75
CA SER A 70 -0.26 25.73 -7.03
C SER A 70 -0.98 26.33 -8.24
N GLN A 71 -1.05 27.67 -8.29
CA GLN A 71 -1.65 28.35 -9.45
C GLN A 71 -0.98 27.93 -10.76
N THR A 72 0.35 27.85 -10.75
CA THR A 72 1.08 27.42 -11.93
C THR A 72 0.70 25.99 -12.32
N TYR A 73 0.73 25.08 -11.36
CA TYR A 73 0.45 23.67 -11.64
C TYR A 73 -0.97 23.44 -12.19
N VAL A 74 -1.98 24.04 -11.58
CA VAL A 74 -3.32 23.96 -12.17
CA VAL A 74 -3.32 24.02 -12.12
C VAL A 74 -3.41 24.62 -13.55
N ARG A 75 -2.74 25.74 -13.75
CA ARG A 75 -2.76 26.42 -15.06
C ARG A 75 -2.15 25.49 -16.09
N LEU A 76 -1.07 24.81 -15.73
CA LEU A 76 -0.44 23.86 -16.69
C LEU A 76 -1.34 22.66 -16.97
N LYS A 77 -2.06 22.20 -15.96
CA LYS A 77 -2.99 21.08 -16.14
C LYS A 77 -4.12 21.46 -17.11
N ARG A 78 -4.67 22.67 -16.92
CA ARG A 78 -5.79 23.16 -17.75
C ARG A 78 -5.37 23.42 -19.18
N LYS A 79 -4.19 24.01 -19.32
CA LYS A 79 -3.66 24.29 -20.63
C LYS A 79 -3.41 23.00 -21.41
N ALA A 80 -2.79 22.02 -20.77
CA ALA A 80 -2.54 20.72 -21.42
C ALA A 80 -3.87 19.99 -21.76
N ALA A 81 -4.83 20.08 -20.85
CA ALA A 81 -6.15 19.47 -21.06
C ALA A 81 -6.85 20.07 -22.27
N ALA A 82 -6.85 21.39 -22.35
CA ALA A 82 -7.44 22.11 -23.48
C ALA A 82 -6.75 21.75 -24.80
N ALA A 83 -5.41 21.72 -24.80
CA ALA A 83 -4.63 21.34 -25.98
C ALA A 83 -4.91 19.92 -26.44
N CYS A 84 -5.15 19.00 -25.51
CA CYS A 84 -5.53 17.62 -25.87
C CYS A 84 -7.02 17.41 -26.25
N GLY A 85 -7.81 18.48 -26.19
CA GLY A 85 -9.23 18.42 -26.58
C GLY A 85 -10.21 18.14 -25.45
N PHE A 86 -9.74 18.23 -24.21
CA PHE A 86 -10.58 17.96 -23.03
C PHE A 86 -11.44 19.20 -22.74
N ARG A 87 -12.51 18.99 -22.01
CA ARG A 87 -13.25 20.08 -21.44
C ARG A 87 -12.70 20.34 -20.07
N ASN A 88 -12.53 21.60 -19.72
CA ASN A 88 -12.08 21.99 -18.40
C ASN A 88 -13.24 22.47 -17.54
N PHE A 89 -13.28 22.05 -16.28
CA PHE A 89 -14.16 22.65 -15.27
C PHE A 89 -13.24 23.25 -14.21
N SER A 90 -12.92 24.51 -14.41
CA SER A 90 -11.98 25.16 -13.52
C SER A 90 -12.73 25.80 -12.35
N VAL A 91 -12.34 25.45 -11.13
CA VAL A 91 -12.91 26.03 -9.94
C VAL A 91 -11.82 26.69 -9.09
N GLU A 92 -12.07 27.94 -8.73
CA GLU A 92 -11.18 28.66 -7.81
C GLU A 92 -11.94 28.97 -6.55
N LEU A 93 -11.43 28.52 -5.42
CA LEU A 93 -12.01 28.85 -4.14
C LEU A 93 -11.03 29.70 -3.33
N PRO A 94 -11.55 30.48 -2.39
CA PRO A 94 -10.68 31.30 -1.57
C PRO A 94 -9.89 30.52 -0.52
N ALA A 95 -8.79 31.10 -0.06
CA ALA A 95 -7.94 30.52 0.97
C ALA A 95 -8.72 30.21 2.26
N ASN A 96 -9.74 31.03 2.56
CA ASN A 96 -10.58 30.84 3.75
C ASN A 96 -11.89 30.07 3.46
N VAL A 97 -11.92 29.33 2.36
CA VAL A 97 -13.05 28.46 2.06
C VAL A 97 -13.34 27.50 3.26
N THR A 98 -14.63 27.31 3.56
CA THR A 98 -15.01 26.41 4.65
C THR A 98 -14.99 24.97 4.17
N GLN A 99 -14.94 24.03 5.14
CA GLN A 99 -14.99 22.61 4.83
C GLN A 99 -16.24 22.30 4.00
N GLU A 100 -17.39 22.85 4.42
CA GLU A 100 -18.66 22.59 3.72
C GLU A 100 -18.62 23.09 2.28
N ALA A 101 -18.14 24.30 2.04
CA ALA A 101 -18.22 24.85 0.69
C ALA A 101 -17.32 24.07 -0.26
N LEU A 102 -16.17 23.65 0.24
CA LEU A 102 -15.27 22.80 -0.52
C LEU A 102 -15.93 21.48 -0.92
N GLU A 103 -16.54 20.82 0.06
CA GLU A 103 -17.14 19.52 -0.16
C GLU A 103 -18.35 19.69 -1.09
N ARG A 104 -19.10 20.78 -0.92
CA ARG A 104 -20.24 21.07 -1.79
C ARG A 104 -19.83 21.20 -3.25
N GLU A 105 -18.69 21.84 -3.48
CA GLU A 105 -18.16 21.94 -4.82
C GLU A 105 -17.79 20.56 -5.39
N VAL A 106 -17.13 19.74 -4.58
CA VAL A 106 -16.81 18.38 -5.00
C VAL A 106 -18.08 17.60 -5.38
N ILE A 107 -19.10 17.74 -4.53
CA ILE A 107 -20.37 17.03 -4.72
CA ILE A 107 -20.36 17.03 -4.72
C ILE A 107 -21.02 17.46 -6.03
N ARG A 108 -21.00 18.76 -6.31
CA ARG A 108 -21.53 19.32 -7.58
CA ARG A 108 -21.57 19.26 -7.57
C ARG A 108 -20.87 18.62 -8.78
N LEU A 109 -19.56 18.52 -8.72
CA LEU A 109 -18.78 17.88 -9.80
C LEU A 109 -19.02 16.36 -9.88
N ASN A 110 -19.26 15.68 -8.76
CA ASN A 110 -19.71 14.27 -8.79
C ASN A 110 -20.97 14.07 -9.67
N GLU A 111 -21.90 15.03 -9.57
CA GLU A 111 -23.22 14.93 -10.22
C GLU A 111 -23.23 15.47 -11.64
N GLU A 112 -22.16 16.11 -12.04
CA GLU A 112 -22.03 16.63 -13.39
C GLU A 112 -21.62 15.52 -14.35
N GLU A 113 -22.55 15.09 -15.18
CA GLU A 113 -22.30 14.02 -16.15
C GLU A 113 -21.11 14.26 -17.07
N ALA A 114 -20.86 15.53 -17.41
CA ALA A 114 -19.81 15.93 -18.35
C ALA A 114 -18.44 15.97 -17.71
N CYS A 115 -18.37 15.78 -16.39
CA CYS A 115 -17.11 15.76 -15.66
C CYS A 115 -16.71 14.32 -15.33
N HIS A 116 -15.53 13.90 -15.73
CA HIS A 116 -15.10 12.50 -15.53
C HIS A 116 -13.94 12.32 -14.52
N SER A 117 -13.26 13.42 -14.20
CA SER A 117 -12.13 13.45 -13.26
C SER A 117 -12.17 14.75 -12.44
N ILE A 118 -11.85 14.62 -11.16
CA ILE A 118 -11.79 15.74 -10.24
C ILE A 118 -10.46 15.72 -9.57
N VAL A 119 -9.75 16.85 -9.65
CA VAL A 119 -8.48 17.05 -8.97
C VAL A 119 -8.68 18.13 -7.95
N VAL A 120 -8.35 17.84 -6.70
CA VAL A 120 -8.32 18.80 -5.63
C VAL A 120 -6.84 19.06 -5.36
N GLN A 121 -6.39 20.23 -5.79
CA GLN A 121 -4.96 20.55 -5.79
C GLN A 121 -4.47 20.65 -4.34
N LEU A 122 -3.44 19.87 -4.03
CA LEU A 122 -2.81 19.92 -2.71
C LEU A 122 -1.57 20.81 -2.75
N PRO A 123 -1.22 21.45 -1.63
CA PRO A 123 -1.87 21.35 -0.32
C PRO A 123 -3.07 22.26 -0.18
N LEU A 124 -4.04 21.78 0.60
CA LEU A 124 -5.20 22.54 1.02
C LEU A 124 -4.88 23.49 2.18
N PRO A 125 -5.74 24.47 2.42
CA PRO A 125 -5.47 25.34 3.56
C PRO A 125 -5.49 24.59 4.88
N PRO A 126 -4.63 25.00 5.83
CA PRO A 126 -4.47 24.21 7.05
C PRO A 126 -5.75 23.97 7.85
N HIS A 127 -6.68 24.92 7.87
CA HIS A 127 -7.94 24.65 8.56
C HIS A 127 -8.79 23.51 7.94
N ILE A 128 -8.43 23.02 6.74
CA ILE A 128 -9.24 22.04 6.03
C ILE A 128 -8.77 20.63 6.39
N ASP A 129 -9.71 19.76 6.71
CA ASP A 129 -9.45 18.34 6.92
C ASP A 129 -9.33 17.67 5.55
N LYS A 130 -8.10 17.43 5.12
CA LYS A 130 -7.78 16.87 3.79
C LYS A 130 -8.45 15.53 3.53
N VAL A 131 -8.34 14.62 4.48
CA VAL A 131 -8.93 13.29 4.34
C VAL A 131 -10.48 13.37 4.17
N ALA A 132 -11.17 14.15 5.00
CA ALA A 132 -12.64 14.24 4.92
C ALA A 132 -13.06 14.85 3.61
N ALA A 133 -12.31 15.88 3.18
CA ALA A 133 -12.61 16.54 1.92
C ALA A 133 -12.43 15.59 0.74
N LEU A 134 -11.29 14.91 0.66
CA LEU A 134 -11.05 14.03 -0.49
C LEU A 134 -12.01 12.84 -0.51
N SER A 135 -12.42 12.39 0.67
CA SER A 135 -13.36 11.29 0.80
C SER A 135 -14.74 11.56 0.13
N LYS A 136 -15.07 12.81 -0.21
CA LYS A 136 -16.31 13.12 -0.89
C LYS A 136 -16.24 12.84 -2.38
N ILE A 137 -15.05 12.72 -2.94
CA ILE A 137 -14.91 12.51 -4.38
C ILE A 137 -15.52 11.15 -4.74
N LYS A 138 -16.39 11.12 -5.73
CA LYS A 138 -16.88 9.86 -6.28
C LYS A 138 -15.69 8.99 -6.77
N PRO A 139 -15.61 7.70 -6.38
CA PRO A 139 -14.45 6.86 -6.74
C PRO A 139 -14.05 6.85 -8.22
N GLU A 140 -15.02 6.78 -9.11
CA GLU A 140 -14.74 6.73 -10.57
C GLU A 140 -14.24 8.06 -11.15
N LYS A 141 -14.32 9.16 -10.39
CA LYS A 141 -13.80 10.47 -10.81
C LYS A 141 -12.52 10.86 -10.04
N ASP A 142 -11.93 9.91 -9.31
CA ASP A 142 -10.75 10.18 -8.46
C ASP A 142 -9.46 10.19 -9.34
N ALA A 143 -9.20 11.34 -9.96
CA ALA A 143 -8.13 11.47 -10.97
C ALA A 143 -6.72 11.19 -10.46
N ASP A 144 -6.50 11.50 -9.19
CA ASP A 144 -5.19 11.36 -8.54
C ASP A 144 -5.00 10.05 -7.81
N CYS A 145 -6.02 9.20 -7.86
CA CYS A 145 -5.95 7.90 -7.21
C CYS A 145 -5.61 8.07 -5.73
N LEU A 146 -6.38 8.90 -5.04
CA LEU A 146 -6.16 9.19 -3.62
C LEU A 146 -7.05 8.41 -2.67
N LEU A 147 -8.19 7.90 -3.16
CA LEU A 147 -9.16 7.24 -2.28
C LEU A 147 -8.77 5.81 -1.98
N PRO A 148 -9.16 5.30 -0.80
CA PRO A 148 -8.86 3.92 -0.43
C PRO A 148 -9.26 2.89 -1.48
N VAL A 149 -10.45 3.01 -2.09
CA VAL A 149 -10.85 1.99 -3.06
C VAL A 149 -9.87 1.91 -4.24
N ASN A 150 -9.29 3.04 -4.62
CA ASN A 150 -8.35 3.08 -5.75
C ASN A 150 -6.89 2.86 -5.30
N VAL A 151 -6.52 3.33 -4.12
CA VAL A 151 -5.19 3.01 -3.54
C VAL A 151 -5.06 1.49 -3.39
N GLY A 152 -6.18 0.89 -2.97
CA GLY A 152 -6.29 -0.53 -2.71
C GLY A 152 -6.14 -1.47 -3.89
N GLN A 153 -6.24 -0.93 -5.11
CA GLN A 153 -6.03 -1.74 -6.33
C GLN A 153 -4.60 -1.79 -6.77
N LEU A 154 -3.75 -0.93 -6.23
CA LEU A 154 -2.40 -0.72 -6.80
C LEU A 154 -1.51 -1.93 -6.74
N HIS A 155 -1.73 -2.78 -5.77
CA HIS A 155 -0.89 -3.93 -5.58
C HIS A 155 -1.38 -5.05 -6.46
N ILE A 156 -2.61 -4.98 -6.91
CA ILE A 156 -3.19 -6.04 -7.73
C ILE A 156 -2.52 -6.04 -9.12
N ARG A 157 -1.45 -6.82 -9.25
CA ARG A 157 -0.68 -6.91 -10.48
C ARG A 157 -1.48 -7.64 -11.55
N GLU A 158 -2.07 -8.81 -11.22
CA GLU A 158 -2.86 -9.60 -12.17
C GLU A 158 -3.99 -8.80 -12.88
N ARG A 159 -4.28 -7.49 -12.47
CA ARG A 159 -5.17 -6.56 -13.23
C ARG A 159 -4.54 -5.19 -13.50
N ASN A 160 -5.25 -4.36 -14.27
CA ASN A 160 -4.15 -3.49 -14.92
C ASN A 160 -5.03 -2.45 -14.42
N PRO A 161 -4.54 -1.74 -13.28
CA PRO A 161 -5.72 -0.93 -12.96
C PRO A 161 -5.99 0.20 -13.95
N ALA A 162 -7.17 0.79 -13.84
CA ALA A 162 -7.54 1.91 -14.69
C ALA A 162 -6.78 3.16 -14.22
N ILE A 163 -7.05 3.61 -13.00
CA ILE A 163 -6.51 4.86 -12.48
C ILE A 163 -5.17 4.58 -11.82
N VAL A 164 -4.16 5.37 -12.20
CA VAL A 164 -2.83 5.27 -11.60
C VAL A 164 -2.35 6.61 -11.06
N PRO A 165 -1.83 6.64 -9.83
CA PRO A 165 -1.40 7.92 -9.28
C PRO A 165 -0.39 8.59 -10.23
N CYS A 166 -0.64 9.88 -10.48
CA CYS A 166 0.01 10.57 -11.59
C CYS A 166 1.51 10.77 -11.42
N THR A 167 1.95 11.26 -10.27
CA THR A 167 3.39 11.45 -10.03
C THR A 167 4.13 10.12 -10.05
N ALA A 168 3.52 9.13 -9.41
CA ALA A 168 4.12 7.80 -9.34
C ALA A 168 4.25 7.16 -10.71
N SER A 169 3.19 7.19 -11.52
CA SER A 169 3.31 6.66 -12.88
C SER A 169 4.31 7.44 -13.77
N ALA A 170 4.47 8.74 -13.53
CA ALA A 170 5.42 9.51 -14.28
C ALA A 170 6.84 9.05 -13.95
N VAL A 171 7.09 8.76 -12.67
CA VAL A 171 8.39 8.24 -12.25
C VAL A 171 8.64 6.91 -12.96
N MET A 172 7.66 6.00 -12.93
CA MET A 172 7.84 4.71 -13.61
C MET A 172 8.08 4.91 -15.10
N GLU A 173 7.34 5.85 -15.70
CA GLU A 173 7.50 6.15 -17.12
C GLU A 173 8.95 6.58 -17.48
N LEU A 174 9.53 7.44 -16.67
CA LEU A 174 10.87 7.92 -16.91
C LEU A 174 11.90 6.80 -16.74
N LEU A 175 11.71 5.97 -15.71
CA LEU A 175 12.57 4.80 -15.55
C LEU A 175 12.49 3.86 -16.75
N ARG A 176 11.29 3.66 -17.27
CA ARG A 176 11.06 2.79 -18.44
C ARG A 176 11.72 3.34 -19.68
N CYS A 177 11.58 4.65 -19.89
CA CYS A 177 12.24 5.38 -20.99
C CYS A 177 13.73 5.24 -20.98
N SER A 178 14.31 5.18 -19.81
CA SER A 178 15.75 5.07 -19.68
C SER A 178 16.24 3.66 -19.82
N GLY A 179 15.33 2.69 -19.82
CA GLY A 179 15.71 1.27 -19.94
C GLY A 179 16.29 0.71 -18.64
N VAL A 180 16.07 1.42 -17.55
CA VAL A 180 16.65 1.07 -16.26
C VAL A 180 16.02 -0.25 -15.73
N GLU A 181 16.85 -1.21 -15.32
CA GLU A 181 16.33 -2.37 -14.57
C GLU A 181 15.79 -2.00 -13.20
N ILE A 182 14.68 -2.61 -12.82
CA ILE A 182 14.08 -2.38 -11.50
C ILE A 182 13.97 -3.67 -10.64
N CYS A 183 13.46 -4.75 -11.23
CA CYS A 183 13.35 -6.03 -10.50
C CYS A 183 14.70 -6.45 -9.85
N GLY A 184 14.69 -6.62 -8.53
CA GLY A 184 15.89 -7.08 -7.82
C GLY A 184 16.94 -6.01 -7.50
N LYS A 185 16.70 -4.78 -7.94
CA LYS A 185 17.59 -3.67 -7.66
C LYS A 185 17.24 -3.04 -6.34
N ARG A 186 18.20 -2.32 -5.77
CA ARG A 186 18.04 -1.61 -4.52
C ARG A 186 17.55 -0.19 -4.76
N VAL A 187 16.38 0.11 -4.20
CA VAL A 187 15.70 1.35 -4.44
C VAL A 187 15.49 2.03 -3.09
N VAL A 188 15.74 3.34 -3.09
CA VAL A 188 15.39 4.17 -1.95
C VAL A 188 14.43 5.23 -2.43
N VAL A 189 13.34 5.39 -1.68
CA VAL A 189 12.39 6.45 -1.87
C VAL A 189 12.50 7.36 -0.67
N LEU A 190 12.74 8.65 -0.88
CA LEU A 190 12.72 9.58 0.25
C LEU A 190 11.36 10.28 0.30
N GLY A 191 10.65 10.10 1.43
CA GLY A 191 9.31 10.68 1.63
C GLY A 191 8.17 9.71 1.42
N ARG A 192 7.03 10.00 2.05
CA ARG A 192 5.92 9.08 2.06
C ARG A 192 4.58 9.83 1.96
N GLY A 193 4.58 10.98 1.30
CA GLY A 193 3.37 11.76 1.09
C GLY A 193 2.45 11.07 0.10
N ASP A 194 1.16 11.34 0.22
CA ASP A 194 0.14 10.61 -0.53
C ASP A 194 0.17 10.86 -2.02
N ILE A 195 0.71 12.01 -2.41
CA ILE A 195 0.84 12.36 -3.82
C ILE A 195 2.09 11.78 -4.51
N ALA A 196 3.15 11.58 -3.76
CA ALA A 196 4.43 11.28 -4.38
C ALA A 196 5.08 10.05 -3.74
N GLY A 197 5.60 10.21 -2.52
CA GLY A 197 6.34 9.13 -1.83
C GLY A 197 5.64 7.80 -1.75
N LEU A 198 4.48 7.80 -1.09
CA LEU A 198 3.70 6.59 -0.88
C LEU A 198 3.43 5.75 -2.14
N PRO A 199 2.69 6.30 -3.15
CA PRO A 199 2.41 5.47 -4.32
C PRO A 199 3.65 5.08 -5.15
N VAL A 200 4.66 5.94 -5.20
CA VAL A 200 5.95 5.63 -5.91
C VAL A 200 6.56 4.33 -5.36
N ALA A 201 6.68 4.29 -4.04
CA ALA A 201 7.15 3.12 -3.32
C ALA A 201 6.33 1.88 -3.62
N THR A 202 5.00 2.03 -3.64
CA THR A 202 4.14 0.90 -4.01
C THR A 202 4.44 0.39 -5.42
N LEU A 203 4.53 1.30 -6.37
CA LEU A 203 4.79 0.92 -7.75
C LEU A 203 6.14 0.28 -7.93
N LEU A 204 7.14 0.77 -7.22
CA LEU A 204 8.46 0.19 -7.36
C LEU A 204 8.48 -1.18 -6.69
N ALA A 205 7.81 -1.30 -5.55
CA ALA A 205 7.67 -2.60 -4.87
C ALA A 205 6.97 -3.67 -5.69
N ASN A 206 5.96 -3.27 -6.47
CA ASN A 206 5.32 -4.20 -7.41
C ASN A 206 6.27 -4.73 -8.48
N GLU A 207 7.36 -4.03 -8.73
CA GLU A 207 8.38 -4.50 -9.66
C GLU A 207 9.36 -5.48 -9.03
N ASP A 208 9.16 -5.73 -7.73
CA ASP A 208 9.99 -6.63 -6.94
C ASP A 208 11.38 -6.09 -6.78
N ALA A 209 11.49 -4.77 -6.79
CA ALA A 209 12.65 -4.11 -6.29
C ALA A 209 12.71 -4.26 -4.78
N THR A 210 13.93 -4.18 -4.24
CA THR A 210 14.16 -4.00 -2.81
C THR A 210 13.93 -2.56 -2.49
N VAL A 211 12.89 -2.29 -1.72
CA VAL A 211 12.48 -0.90 -1.50
C VAL A 211 12.58 -0.49 -0.05
N THR A 212 13.35 0.55 0.18
CA THR A 212 13.43 1.21 1.47
C THR A 212 12.77 2.59 1.37
N VAL A 213 11.93 2.93 2.34
CA VAL A 213 11.35 4.27 2.40
C VAL A 213 11.95 4.98 3.59
N VAL A 214 12.53 6.14 3.31
CA VAL A 214 13.05 7.02 4.34
C VAL A 214 12.05 8.15 4.55
N HIS A 215 12.00 8.64 5.79
CA HIS A 215 11.09 9.72 6.12
C HIS A 215 11.68 10.50 7.29
N SER A 216 10.87 11.34 7.94
CA SER A 216 11.42 12.33 8.87
C SER A 216 11.86 11.73 10.21
N ALA A 217 11.35 10.55 10.55
CA ALA A 217 11.85 9.81 11.71
C ALA A 217 13.11 8.95 11.43
N THR A 218 13.59 8.92 10.19
CA THR A 218 14.83 8.21 9.87
C THR A 218 16.04 9.10 10.19
N PRO A 219 16.97 8.65 11.06
CA PRO A 219 18.15 9.51 11.31
C PRO A 219 18.93 9.81 10.06
N LEU A 220 19.47 11.04 9.96
CA LEU A 220 20.17 11.48 8.74
C LEU A 220 21.33 10.56 8.35
N CYS A 221 22.07 10.05 9.33
CA CYS A 221 23.24 9.20 9.04
C CYS A 221 22.82 7.90 8.34
N ASP A 222 21.66 7.36 8.73
CA ASP A 222 21.11 6.18 8.07
C ASP A 222 20.70 6.51 6.63
N ILE A 223 20.15 7.69 6.44
CA ILE A 223 19.76 8.11 5.09
C ILE A 223 20.97 8.02 4.17
N ALA A 224 22.10 8.56 4.61
CA ALA A 224 23.30 8.61 3.77
C ALA A 224 23.71 7.21 3.36
N ASP A 225 23.80 6.33 4.36
CA ASP A 225 24.13 4.93 4.13
C ASP A 225 23.19 4.22 3.19
N ILE A 226 21.90 4.51 3.32
CA ILE A 226 20.91 3.87 2.46
C ILE A 226 21.04 4.35 1.04
N VAL A 227 21.24 5.65 0.86
CA VAL A 227 21.36 6.23 -0.48
C VAL A 227 22.63 5.69 -1.18
N ARG A 228 23.76 5.64 -0.45
CA ARG A 228 25.00 5.07 -1.02
C ARG A 228 24.85 3.63 -1.54
N ALA A 229 24.03 2.82 -0.86
CA ALA A 229 23.82 1.42 -1.28
C ALA A 229 22.78 1.28 -2.40
N SER A 230 22.22 2.38 -2.91
CA SER A 230 21.02 2.30 -3.76
C SER A 230 21.29 2.43 -5.24
N ASP A 231 20.75 1.50 -6.02
CA ASP A 231 20.82 1.55 -7.47
C ASP A 231 19.88 2.58 -8.09
N ILE A 232 18.72 2.78 -7.46
CA ILE A 232 17.74 3.78 -7.88
C ILE A 232 17.38 4.67 -6.66
N VAL A 233 17.44 5.98 -6.85
CA VAL A 233 17.14 6.97 -5.82
C VAL A 233 15.94 7.79 -6.33
N VAL A 234 14.85 7.82 -5.57
CA VAL A 234 13.68 8.60 -5.92
C VAL A 234 13.35 9.47 -4.74
N SER A 235 13.54 10.78 -4.92
CA SER A 235 13.48 11.74 -3.82
C SER A 235 12.23 12.58 -3.96
N ALA A 236 11.33 12.44 -2.98
CA ALA A 236 10.08 13.18 -2.93
C ALA A 236 9.86 13.74 -1.55
N ALA A 237 10.91 14.36 -1.00
CA ALA A 237 10.84 14.91 0.34
C ALA A 237 10.49 16.42 0.33
N GLY A 238 10.75 17.09 -0.77
CA GLY A 238 10.62 18.57 -0.84
C GLY A 238 11.58 19.29 0.08
N GLN A 239 12.83 18.92 0.01
CA GLN A 239 13.85 19.56 0.79
C GLN A 239 15.09 19.78 -0.05
N PRO A 240 15.29 21.03 -0.50
CA PRO A 240 16.36 21.23 -1.47
C PRO A 240 17.74 20.93 -0.89
N GLY A 241 18.58 20.31 -1.71
CA GLY A 241 19.88 19.89 -1.23
C GLY A 241 19.85 18.68 -0.30
N LEU A 242 18.71 18.04 -0.07
CA LEU A 242 18.69 16.87 0.85
C LEU A 242 19.61 15.75 0.39
N VAL A 243 19.49 15.37 -0.87
CA VAL A 243 20.30 14.27 -1.39
C VAL A 243 21.63 14.80 -1.89
N ARG A 244 22.67 14.63 -1.08
CA ARG A 244 24.02 15.03 -1.47
CA ARG A 244 24.05 15.00 -1.45
C ARG A 244 24.51 14.19 -2.65
N GLY A 245 25.15 14.85 -3.60
CA GLY A 245 25.71 14.18 -4.76
C GLY A 245 26.69 13.09 -4.41
N GLU A 246 27.46 13.26 -3.33
CA GLU A 246 28.50 12.30 -2.92
C GLU A 246 27.93 10.98 -2.51
N TRP A 247 26.65 10.97 -2.13
CA TRP A 247 25.99 9.76 -1.67
C TRP A 247 25.59 8.86 -2.84
N ILE A 248 25.59 9.41 -4.05
CA ILE A 248 25.06 8.69 -5.19
C ILE A 248 26.04 7.60 -5.64
N LYS A 249 25.51 6.38 -5.69
CA LYS A 249 26.27 5.22 -6.18
C LYS A 249 26.60 5.41 -7.67
N LEU A 250 27.86 5.13 -8.03
CA LEU A 250 28.31 5.22 -9.40
C LEU A 250 27.38 4.36 -10.26
N GLY A 251 26.80 4.96 -11.29
CA GLY A 251 25.92 4.26 -12.20
C GLY A 251 24.44 4.27 -11.84
N ALA A 252 24.09 4.90 -10.72
CA ALA A 252 22.71 4.92 -10.27
C ALA A 252 21.78 5.72 -11.18
N ALA A 253 20.49 5.43 -11.07
CA ALA A 253 19.44 6.25 -11.65
C ALA A 253 18.83 7.15 -10.56
N VAL A 254 18.79 8.46 -10.81
CA VAL A 254 18.34 9.43 -9.83
C VAL A 254 17.13 10.23 -10.34
N ILE A 255 15.99 10.04 -9.67
CA ILE A 255 14.73 10.67 -10.06
C ILE A 255 14.37 11.69 -8.98
N ASP A 256 14.33 12.98 -9.37
CA ASP A 256 14.04 14.05 -8.44
C ASP A 256 12.59 14.52 -8.59
N VAL A 257 11.77 14.19 -7.60
CA VAL A 257 10.37 14.57 -7.55
C VAL A 257 10.16 15.82 -6.70
N GLY A 258 11.23 16.32 -6.08
CA GLY A 258 11.15 17.53 -5.30
C GLY A 258 10.92 18.76 -6.14
N THR A 259 10.03 19.63 -5.68
CA THR A 259 9.77 20.90 -6.36
C THR A 259 9.53 21.99 -5.32
N THR A 260 10.61 22.44 -4.68
CA THR A 260 10.49 23.43 -3.62
C THR A 260 10.73 24.85 -4.19
N PRO A 261 9.80 25.79 -3.95
CA PRO A 261 10.09 27.20 -4.27
C PRO A 261 11.22 27.75 -3.40
N VAL A 262 12.31 28.21 -4.01
CA VAL A 262 13.42 28.82 -3.29
C VAL A 262 13.56 30.24 -3.83
N ALA A 263 13.64 31.23 -2.91
CA ALA A 263 13.64 32.64 -3.29
C ALA A 263 14.65 32.95 -4.39
N ASP A 264 14.21 33.69 -5.41
CA ASP A 264 15.08 34.16 -6.49
C ASP A 264 14.36 35.35 -7.15
N PRO A 265 14.78 36.60 -6.84
CA PRO A 265 14.00 37.72 -7.38
C PRO A 265 14.19 38.01 -8.87
N SER A 266 15.09 37.30 -9.55
CA SER A 266 15.18 37.34 -11.02
C SER A 266 14.05 36.60 -11.75
N LYS A 267 13.29 35.78 -11.04
CA LYS A 267 12.25 34.96 -11.67
C LYS A 267 10.89 35.57 -11.49
N VAL A 268 9.97 35.28 -12.42
CA VAL A 268 8.61 35.89 -12.41
C VAL A 268 7.86 35.85 -11.07
N PRO A 269 7.72 34.67 -10.42
CA PRO A 269 7.00 34.64 -9.16
C PRO A 269 7.89 34.96 -7.94
N GLY A 270 9.13 35.38 -8.16
CA GLY A 270 10.05 35.60 -7.03
C GLY A 270 10.77 34.35 -6.52
N TYR A 271 10.55 33.20 -7.15
CA TYR A 271 11.17 31.96 -6.70
C TYR A 271 11.54 31.13 -7.91
N ARG A 272 12.50 30.25 -7.74
CA ARG A 272 12.80 29.23 -8.71
C ARG A 272 12.41 27.92 -8.05
N LEU A 273 12.18 26.89 -8.85
CA LEU A 273 11.98 25.52 -8.36
C LEU A 273 13.30 24.81 -8.19
N VAL A 274 13.54 24.29 -6.98
CA VAL A 274 14.74 23.51 -6.69
C VAL A 274 14.39 22.07 -6.27
N GLY A 275 15.11 21.10 -6.85
CA GLY A 275 14.96 19.69 -6.53
C GLY A 275 15.55 19.31 -5.19
N ASP A 276 15.29 18.07 -4.78
CA ASP A 276 15.88 17.47 -3.61
C ASP A 276 17.39 17.13 -3.80
N VAL A 277 17.80 16.90 -5.04
CA VAL A 277 19.13 16.35 -5.35
C VAL A 277 20.17 17.45 -5.64
N CYS A 278 21.37 17.29 -5.11
CA CYS A 278 22.47 18.16 -5.44
C CYS A 278 22.94 17.75 -6.86
N PHE A 279 22.27 18.35 -7.84
CA PHE A 279 22.31 17.89 -9.23
C PHE A 279 23.71 17.95 -9.86
N ASP A 280 24.39 19.06 -9.68
CA ASP A 280 25.70 19.23 -10.32
C ASP A 280 26.70 18.16 -9.88
N VAL A 281 26.70 17.78 -8.62
CA VAL A 281 27.59 16.71 -8.16
C VAL A 281 27.07 15.32 -8.54
N ALA A 282 25.77 15.11 -8.42
CA ALA A 282 25.15 13.80 -8.73
C ALA A 282 25.29 13.41 -10.21
N ARG A 283 25.29 14.45 -11.07
CA ARG A 283 25.40 14.27 -12.50
CA ARG A 283 25.42 14.31 -12.51
C ARG A 283 26.73 13.62 -12.87
N LYS A 284 27.77 13.80 -12.05
CA LYS A 284 29.07 13.21 -12.35
C LYS A 284 29.18 11.77 -11.97
N ARG A 285 28.23 11.28 -11.17
CA ARG A 285 28.30 9.91 -10.65
C ARG A 285 27.21 8.99 -11.20
N ALA A 286 26.00 9.53 -11.34
CA ALA A 286 24.87 8.77 -11.83
C ALA A 286 24.96 8.45 -13.30
N ALA A 287 24.24 7.42 -13.72
CA ALA A 287 24.09 7.11 -15.13
C ALA A 287 22.91 7.86 -15.75
N TYR A 288 21.85 8.02 -14.97
CA TYR A 288 20.66 8.79 -15.36
C TYR A 288 20.19 9.72 -14.24
N ILE A 289 19.77 10.93 -14.61
CA ILE A 289 19.21 11.84 -13.64
C ILE A 289 18.10 12.69 -14.24
N THR A 290 17.13 13.13 -13.44
CA THR A 290 16.10 14.07 -13.92
C THR A 290 16.38 15.50 -13.42
N PRO A 291 16.15 16.50 -14.28
CA PRO A 291 16.31 17.90 -13.91
C PRO A 291 15.08 18.43 -13.18
N VAL A 292 15.26 19.46 -12.36
CA VAL A 292 14.13 20.17 -11.79
C VAL A 292 14.35 21.65 -12.06
N PRO A 293 13.46 22.28 -12.85
CA PRO A 293 12.28 21.74 -13.52
C PRO A 293 12.64 20.98 -14.79
N GLY A 294 11.63 20.45 -15.47
CA GLY A 294 11.78 19.80 -16.78
C GLY A 294 11.83 18.28 -16.74
N GLY A 295 11.58 17.69 -15.57
CA GLY A 295 11.74 16.25 -15.40
C GLY A 295 10.45 15.53 -15.12
N VAL A 296 10.21 15.24 -13.86
CA VAL A 296 8.99 14.54 -13.46
C VAL A 296 7.72 15.38 -13.62
N GLY A 297 7.84 16.69 -13.39
CA GLY A 297 6.71 17.61 -13.45
C GLY A 297 5.86 17.51 -14.70
N PRO A 298 6.47 17.64 -15.88
CA PRO A 298 5.64 17.65 -17.09
C PRO A 298 4.94 16.31 -17.35
N VAL A 299 5.60 15.22 -16.96
CA VAL A 299 5.06 13.90 -17.15
C VAL A 299 3.91 13.64 -16.18
N THR A 300 3.99 14.20 -14.99
CA THR A 300 2.90 14.13 -14.01
C THR A 300 1.58 14.67 -14.60
N VAL A 301 1.69 15.81 -15.28
CA VAL A 301 0.56 16.38 -15.97
C VAL A 301 0.03 15.43 -17.04
N SER A 302 0.94 14.87 -17.85
CA SER A 302 0.55 13.93 -18.91
C SER A 302 -0.25 12.73 -18.37
N MET A 303 0.17 12.24 -17.22
CA MET A 303 -0.38 11.03 -16.61
C MET A 303 -1.77 11.33 -16.03
N LEU A 304 -1.98 12.58 -15.59
CA LEU A 304 -3.31 13.03 -15.20
C LEU A 304 -4.30 12.95 -16.39
N LEU A 305 -3.87 13.43 -17.55
CA LEU A 305 -4.68 13.38 -18.75
C LEU A 305 -4.97 11.93 -19.19
N LYS A 306 -3.97 11.08 -19.11
CA LYS A 306 -4.13 9.65 -19.41
C LYS A 306 -5.19 9.00 -18.51
N ASN A 307 -5.08 9.18 -17.20
CA ASN A 307 -6.12 8.76 -16.29
C ASN A 307 -7.49 9.26 -16.74
N THR A 308 -7.58 10.57 -16.94
CA THR A 308 -8.81 11.20 -17.24
C THR A 308 -9.42 10.59 -18.51
N LEU A 309 -8.60 10.30 -19.51
CA LEU A 309 -9.10 9.66 -20.74
C LEU A 309 -9.59 8.22 -20.46
N THR A 310 -8.85 7.46 -19.69
CA THR A 310 -9.28 6.14 -19.24
C THR A 310 -10.64 6.19 -18.51
N MET A 311 -10.81 7.17 -17.63
CA MET A 311 -12.06 7.31 -16.85
C MET A 311 -13.22 7.67 -17.77
N PHE A 312 -12.94 8.56 -18.74
CA PHE A 312 -13.91 8.88 -19.77
C PHE A 312 -14.36 7.62 -20.54
N LYS A 313 -13.40 6.83 -21.01
CA LYS A 313 -13.70 5.61 -21.78
C LYS A 313 -14.57 4.62 -21.01
N ARG A 314 -14.28 4.46 -19.73
CA ARG A 314 -15.06 3.62 -18.82
C ARG A 314 -16.48 4.16 -18.72
N SER A 315 -16.58 5.48 -18.56
CA SER A 315 -17.86 6.13 -18.35
C SER A 315 -18.78 5.97 -19.53
N VAL A 316 -18.24 6.09 -20.74
CA VAL A 316 -19.08 6.06 -21.94
C VAL A 316 -19.41 4.65 -22.44
N ARG A 317 -18.83 3.63 -21.83
CA ARG A 317 -19.25 2.25 -22.09
C ARG A 317 -20.71 2.06 -21.68
N ALA A 318 -21.13 2.76 -20.63
CA ALA A 318 -22.55 2.90 -20.30
C ALA A 318 -23.32 3.59 -21.42
N MET B 22 24.24 -18.36 29.20
CA MET B 22 24.38 -17.16 28.32
C MET B 22 22.99 -16.58 28.01
N PRO B 23 22.91 -15.25 27.84
CA PRO B 23 21.67 -14.65 27.36
C PRO B 23 21.24 -15.17 25.99
N GLU B 24 19.92 -15.26 25.83
CA GLU B 24 19.30 -15.69 24.59
C GLU B 24 18.00 -14.97 24.48
N ALA B 25 17.42 -15.04 23.28
CA ALA B 25 16.17 -14.38 22.99
C ALA B 25 15.05 -14.88 23.87
N VAL B 26 14.15 -13.95 24.20
CA VAL B 26 12.87 -14.33 24.76
C VAL B 26 12.06 -14.96 23.62
N VAL B 27 11.56 -16.18 23.86
CA VAL B 27 10.69 -16.82 22.89
C VAL B 27 9.25 -16.43 23.23
N ILE B 28 8.63 -15.65 22.38
CA ILE B 28 7.27 -15.24 22.62
C ILE B 28 6.30 -16.38 22.31
N ASP B 29 5.47 -16.69 23.29
CA ASP B 29 4.55 -17.81 23.21
C ASP B 29 3.23 -17.35 22.62
N GLY B 30 3.08 -17.55 21.32
CA GLY B 30 1.85 -17.19 20.63
C GLY B 30 0.58 -17.88 21.13
N ARG B 31 0.70 -19.14 21.55
CA ARG B 31 -0.44 -19.89 22.09
C ARG B 31 -0.98 -19.23 23.36
N ALA B 32 -0.08 -18.85 24.26
CA ALA B 32 -0.47 -18.09 25.46
C ALA B 32 -1.07 -16.72 25.12
N VAL B 33 -0.53 -16.03 24.11
CA VAL B 33 -1.09 -14.74 23.71
C VAL B 33 -2.56 -14.90 23.16
N ALA B 34 -2.74 -15.89 22.31
CA ALA B 34 -4.03 -16.22 21.74
C ALA B 34 -5.00 -16.61 22.85
N LYS B 35 -4.54 -17.46 23.77
CA LYS B 35 -5.32 -17.86 24.94
C LYS B 35 -5.88 -16.64 25.71
N ALA B 36 -5.01 -15.67 26.02
CA ALA B 36 -5.44 -14.50 26.81
C ALA B 36 -6.44 -13.64 26.04
N ILE B 37 -6.15 -13.38 24.78
CA ILE B 37 -7.06 -12.68 23.91
C ILE B 37 -8.41 -13.40 23.86
N GLN B 38 -8.40 -14.71 23.64
CA GLN B 38 -9.65 -15.45 23.47
C GLN B 38 -10.46 -15.53 24.77
N LYS B 39 -9.77 -15.44 25.90
CA LYS B 39 -10.44 -15.42 27.20
C LYS B 39 -11.22 -14.14 27.36
N GLU B 40 -10.68 -13.05 26.83
CA GLU B 40 -11.30 -11.75 26.97
C GLU B 40 -12.44 -11.63 25.97
N LEU B 41 -12.23 -12.14 24.75
CA LEU B 41 -13.30 -12.20 23.76
C LEU B 41 -14.49 -13.03 24.24
N THR B 42 -14.26 -14.15 24.89
CA THR B 42 -15.34 -15.01 25.36
C THR B 42 -16.25 -14.29 26.36
N GLU B 43 -15.63 -13.64 27.35
CA GLU B 43 -16.37 -12.92 28.35
CA GLU B 43 -16.39 -12.90 28.35
C GLU B 43 -17.10 -11.73 27.70
N GLU B 44 -16.46 -11.09 26.71
CA GLU B 44 -17.12 -9.97 26.02
C GLU B 44 -18.40 -10.39 25.27
N VAL B 45 -18.33 -11.54 24.61
CA VAL B 45 -19.47 -12.15 23.91
C VAL B 45 -20.63 -12.50 24.88
N ALA B 46 -20.29 -13.15 26.00
CA ALA B 46 -21.31 -13.52 26.99
C ALA B 46 -21.99 -12.29 27.57
N LEU B 47 -21.24 -11.18 27.69
CA LEU B 47 -21.84 -9.93 28.14
C LEU B 47 -22.75 -9.36 27.03
N LEU B 48 -22.21 -9.20 25.83
CA LEU B 48 -22.97 -8.69 24.68
C LEU B 48 -24.28 -9.43 24.38
N GLU B 49 -24.26 -10.76 24.54
CA GLU B 49 -25.44 -11.56 24.30
C GLU B 49 -26.52 -11.15 25.31
N ARG B 50 -26.16 -11.11 26.58
CA ARG B 50 -27.09 -10.63 27.61
C ARG B 50 -27.57 -9.18 27.32
N ARG B 51 -26.74 -8.32 26.71
CA ARG B 51 -27.19 -6.96 26.36
C ARG B 51 -28.01 -6.92 25.09
N TYR B 52 -27.60 -7.67 24.08
CA TYR B 52 -28.35 -7.76 22.84
C TYR B 52 -29.08 -9.09 22.76
N LYS B 53 -30.15 -9.18 23.55
CA LYS B 53 -31.00 -10.35 23.64
C LYS B 53 -30.81 -11.34 22.51
N GLY B 54 -29.98 -12.34 22.76
CA GLY B 54 -29.82 -13.46 21.84
C GLY B 54 -28.75 -13.33 20.76
N ARG B 55 -28.30 -12.12 20.46
CA ARG B 55 -27.39 -11.92 19.32
C ARG B 55 -25.95 -12.31 19.67
N ARG B 56 -25.23 -12.76 18.67
CA ARG B 56 -23.84 -13.14 18.84
C ARG B 56 -23.12 -13.20 17.49
N PRO B 57 -21.79 -12.92 17.50
CA PRO B 57 -21.00 -12.86 16.27
C PRO B 57 -21.06 -14.16 15.47
N GLY B 58 -21.20 -14.03 14.15
CA GLY B 58 -21.25 -15.15 13.23
C GLY B 58 -20.07 -15.09 12.25
N LEU B 59 -19.33 -16.19 12.19
CA LEU B 59 -18.18 -16.29 11.33
C LEU B 59 -18.46 -17.33 10.24
N SER B 60 -18.21 -16.93 9.01
CA SER B 60 -18.26 -17.86 7.92
C SER B 60 -16.87 -18.16 7.37
N THR B 61 -16.52 -19.45 7.24
CA THR B 61 -15.31 -19.85 6.51
C THR B 61 -15.61 -20.78 5.33
N ILE B 62 -15.10 -20.41 4.17
CA ILE B 62 -15.25 -21.17 2.94
C ILE B 62 -13.89 -21.76 2.59
N ILE B 63 -13.84 -23.07 2.43
CA ILE B 63 -12.66 -23.74 1.94
C ILE B 63 -12.98 -24.45 0.62
N CYS B 64 -12.13 -24.25 -0.37
CA CYS B 64 -12.22 -24.94 -1.64
C CYS B 64 -11.08 -25.96 -1.71
N GLY B 65 -11.41 -27.20 -2.06
CA GLY B 65 -10.43 -28.27 -2.22
C GLY B 65 -10.03 -28.86 -0.89
N LYS B 66 -8.93 -29.60 -0.89
CA LYS B 66 -8.52 -30.39 0.27
C LYS B 66 -7.04 -30.30 0.61
N ARG B 67 -6.41 -29.14 0.37
CA ARG B 67 -5.06 -28.91 0.91
C ARG B 67 -5.11 -29.16 2.40
N LYS B 68 -4.22 -30.02 2.90
CA LYS B 68 -4.23 -30.39 4.32
C LYS B 68 -3.89 -29.23 5.26
N ASP B 69 -2.98 -28.36 4.84
CA ASP B 69 -2.68 -27.18 5.67
C ASP B 69 -3.88 -26.24 5.73
N SER B 70 -4.53 -25.97 4.59
CA SER B 70 -5.75 -25.14 4.59
C SER B 70 -6.84 -25.78 5.49
N GLN B 71 -7.03 -27.08 5.35
CA GLN B 71 -7.99 -27.78 6.20
C GLN B 71 -7.71 -27.57 7.68
N THR B 72 -6.44 -27.71 8.07
CA THR B 72 -6.06 -27.46 9.43
C THR B 72 -6.39 -26.05 9.89
N TYR B 73 -6.07 -25.04 9.09
CA TYR B 73 -6.25 -23.66 9.53
C TYR B 73 -7.73 -23.31 9.67
N VAL B 74 -8.54 -23.74 8.71
CA VAL B 74 -9.98 -23.60 8.84
C VAL B 74 -10.54 -24.29 10.11
N ARG B 75 -10.15 -25.55 10.35
CA ARG B 75 -10.60 -26.26 11.53
CA ARG B 75 -10.56 -26.29 11.54
C ARG B 75 -10.24 -25.47 12.79
N LEU B 76 -9.04 -24.88 12.82
CA LEU B 76 -8.65 -24.17 14.02
C LEU B 76 -9.48 -22.89 14.22
N LYS B 77 -9.77 -22.21 13.12
CA LYS B 77 -10.61 -21.00 13.15
C LYS B 77 -12.00 -21.34 13.70
N ARG B 78 -12.61 -22.40 13.18
CA ARG B 78 -13.95 -22.80 13.61
C ARG B 78 -13.99 -23.16 15.08
N LYS B 79 -12.98 -23.93 15.49
CA LYS B 79 -12.83 -24.38 16.87
C LYS B 79 -12.68 -23.19 17.82
N ALA B 80 -11.79 -22.28 17.48
CA ALA B 80 -11.62 -21.06 18.28
C ALA B 80 -12.92 -20.27 18.39
N ALA B 81 -13.56 -20.05 17.25
CA ALA B 81 -14.82 -19.32 17.15
C ALA B 81 -15.90 -19.96 18.02
N ALA B 82 -16.04 -21.28 17.90
CA ALA B 82 -16.98 -21.99 18.73
C ALA B 82 -16.68 -21.82 20.21
N ALA B 83 -15.40 -21.88 20.58
CA ALA B 83 -15.00 -21.73 21.98
C ALA B 83 -15.28 -20.33 22.56
N CYS B 84 -15.22 -19.30 21.71
CA CYS B 84 -15.49 -17.94 22.18
C CYS B 84 -16.99 -17.53 22.17
N GLY B 85 -17.87 -18.45 21.79
CA GLY B 85 -19.31 -18.17 21.77
C GLY B 85 -19.84 -17.65 20.46
N PHE B 86 -19.04 -17.75 19.41
CA PHE B 86 -19.46 -17.33 18.08
C PHE B 86 -20.30 -18.44 17.46
N ARG B 87 -21.08 -18.07 16.44
CA ARG B 87 -21.73 -19.03 15.55
C ARG B 87 -20.87 -19.24 14.30
N ASN B 88 -20.79 -20.49 13.82
CA ASN B 88 -20.02 -20.80 12.61
C ASN B 88 -20.94 -21.10 11.42
N PHE B 89 -20.58 -20.58 10.25
CA PHE B 89 -21.19 -20.96 8.98
C PHE B 89 -20.05 -21.51 8.15
N SER B 90 -19.98 -22.83 8.09
CA SER B 90 -18.88 -23.53 7.50
C SER B 90 -19.28 -23.96 6.12
N VAL B 91 -18.47 -23.66 5.13
CA VAL B 91 -18.76 -24.11 3.77
C VAL B 91 -17.55 -24.86 3.25
N GLU B 92 -17.80 -25.98 2.55
CA GLU B 92 -16.76 -26.75 1.86
C GLU B 92 -17.15 -26.96 0.42
N LEU B 93 -16.30 -26.52 -0.49
CA LEU B 93 -16.53 -26.68 -1.92
C LEU B 93 -15.40 -27.55 -2.50
N PRO B 94 -15.66 -28.18 -3.65
CA PRO B 94 -14.65 -29.04 -4.26
C PRO B 94 -13.59 -28.25 -4.98
N ALA B 95 -12.50 -28.91 -5.31
CA ALA B 95 -11.41 -28.26 -6.04
C ALA B 95 -11.97 -27.69 -7.32
N ASN B 96 -12.91 -28.44 -7.88
CA ASN B 96 -13.69 -28.14 -9.10
C ASN B 96 -14.47 -26.86 -9.17
N VAL B 97 -14.77 -26.26 -8.02
CA VAL B 97 -15.88 -25.32 -7.96
C VAL B 97 -15.83 -24.29 -9.13
N THR B 98 -17.00 -24.02 -9.70
CA THR B 98 -17.12 -23.04 -10.76
C THR B 98 -17.06 -21.63 -10.16
N GLN B 99 -16.64 -20.67 -10.97
CA GLN B 99 -16.63 -19.30 -10.53
C GLN B 99 -18.01 -18.95 -9.96
N GLU B 100 -19.07 -19.31 -10.70
CA GLU B 100 -20.44 -18.95 -10.33
C GLU B 100 -20.87 -19.53 -9.01
N ALA B 101 -20.60 -20.82 -8.80
CA ALA B 101 -20.95 -21.48 -7.54
C ALA B 101 -20.25 -20.83 -6.33
N LEU B 102 -18.98 -20.47 -6.50
CA LEU B 102 -18.23 -19.81 -5.41
C LEU B 102 -18.81 -18.43 -5.08
N GLU B 103 -19.08 -17.64 -6.11
CA GLU B 103 -19.65 -16.31 -5.93
C GLU B 103 -21.07 -16.36 -5.33
N ARG B 104 -21.87 -17.34 -5.74
CA ARG B 104 -23.23 -17.49 -5.22
C ARG B 104 -23.22 -17.79 -3.71
N GLU B 105 -22.25 -18.60 -3.30
CA GLU B 105 -22.08 -18.91 -1.89
C GLU B 105 -21.64 -17.67 -1.07
N VAL B 106 -20.72 -16.87 -1.62
CA VAL B 106 -20.35 -15.60 -0.99
C VAL B 106 -21.58 -14.68 -0.83
N ILE B 107 -22.39 -14.57 -1.88
CA ILE B 107 -23.57 -13.71 -1.87
C ILE B 107 -24.63 -14.16 -0.86
N ARG B 108 -24.86 -15.47 -0.81
CA ARG B 108 -25.73 -16.05 0.21
C ARG B 108 -25.32 -15.59 1.61
N LEU B 109 -24.02 -15.66 1.90
CA LEU B 109 -23.51 -15.25 3.20
C LEU B 109 -23.62 -13.74 3.43
N ASN B 110 -23.52 -12.95 2.36
CA ASN B 110 -23.77 -11.50 2.43
C ASN B 110 -25.17 -11.17 2.98
N GLU B 111 -26.17 -11.97 2.64
CA GLU B 111 -27.55 -11.66 3.04
C GLU B 111 -28.01 -12.35 4.30
N GLU B 112 -27.12 -13.16 4.89
CA GLU B 112 -27.44 -13.81 6.14
C GLU B 112 -27.11 -12.83 7.28
N GLU B 113 -28.17 -12.26 7.86
CA GLU B 113 -28.12 -11.35 9.00
C GLU B 113 -27.23 -11.79 10.15
N ALA B 114 -27.27 -13.08 10.47
CA ALA B 114 -26.53 -13.61 11.62
C ALA B 114 -25.03 -13.92 11.31
N CYS B 115 -24.61 -13.77 10.05
CA CYS B 115 -23.21 -13.85 9.63
C CYS B 115 -22.59 -12.44 9.48
N HIS B 116 -21.60 -12.13 10.31
CA HIS B 116 -20.94 -10.83 10.33
C HIS B 116 -19.55 -10.82 9.66
N SER B 117 -18.97 -11.99 9.46
CA SER B 117 -17.65 -12.14 8.85
C SER B 117 -17.65 -13.26 7.82
N ILE B 118 -17.01 -13.01 6.68
CA ILE B 118 -16.78 -14.03 5.65
C ILE B 118 -15.29 -14.18 5.35
N VAL B 119 -14.80 -15.40 5.52
CA VAL B 119 -13.41 -15.74 5.26
C VAL B 119 -13.36 -16.73 4.09
N VAL B 120 -12.65 -16.34 3.03
CA VAL B 120 -12.44 -17.23 1.90
C VAL B 120 -11.00 -17.72 2.00
N GLN B 121 -10.81 -18.96 2.46
CA GLN B 121 -9.47 -19.49 2.71
C GLN B 121 -8.63 -19.57 1.42
N LEU B 122 -7.47 -18.93 1.45
CA LEU B 122 -6.54 -18.95 0.34
C LEU B 122 -5.44 -19.97 0.64
N PRO B 123 -4.79 -20.52 -0.41
CA PRO B 123 -5.00 -20.17 -1.81
C PRO B 123 -6.28 -20.78 -2.38
N LEU B 124 -6.90 -20.09 -3.32
CA LEU B 124 -7.97 -20.66 -4.13
C LEU B 124 -7.38 -21.54 -5.23
N PRO B 125 -8.19 -22.44 -5.81
CA PRO B 125 -7.71 -23.23 -6.93
C PRO B 125 -7.33 -22.34 -8.10
N PRO B 126 -6.24 -22.70 -8.80
CA PRO B 126 -5.70 -21.90 -9.91
C PRO B 126 -6.73 -21.38 -10.90
N HIS B 127 -7.68 -22.22 -11.32
CA HIS B 127 -8.62 -21.84 -12.39
C HIS B 127 -9.61 -20.73 -11.98
N ILE B 128 -9.75 -20.48 -10.69
CA ILE B 128 -10.64 -19.43 -10.21
C ILE B 128 -10.02 -18.05 -10.42
N ASP B 129 -10.88 -17.08 -10.73
CA ASP B 129 -10.51 -15.67 -10.76
C ASP B 129 -10.61 -15.13 -9.34
N LYS B 130 -9.47 -15.02 -8.65
CA LYS B 130 -9.48 -14.70 -7.22
C LYS B 130 -10.03 -13.30 -6.92
N VAL B 131 -9.62 -12.32 -7.72
CA VAL B 131 -10.04 -10.94 -7.49
C VAL B 131 -11.54 -10.80 -7.66
N ALA B 132 -12.05 -11.32 -8.77
CA ALA B 132 -13.47 -11.32 -9.05
C ALA B 132 -14.25 -11.89 -7.86
N ALA B 133 -13.92 -13.12 -7.48
CA ALA B 133 -14.60 -13.82 -6.41
C ALA B 133 -14.55 -13.04 -5.08
N LEU B 134 -13.34 -12.60 -4.69
CA LEU B 134 -13.20 -11.85 -3.44
C LEU B 134 -14.00 -10.55 -3.45
N SER B 135 -14.11 -9.93 -4.62
CA SER B 135 -14.84 -8.67 -4.77
C SER B 135 -16.34 -8.77 -4.50
N LYS B 136 -16.87 -9.99 -4.38
CA LYS B 136 -18.30 -10.18 -4.11
C LYS B 136 -18.61 -10.07 -2.64
N ILE B 137 -17.56 -10.18 -1.80
CA ILE B 137 -17.72 -10.08 -0.36
C ILE B 137 -18.17 -8.68 -0.01
N LYS B 138 -19.22 -8.58 0.80
CA LYS B 138 -19.68 -7.28 1.30
C LYS B 138 -18.60 -6.64 2.21
N PRO B 139 -18.28 -5.34 1.97
CA PRO B 139 -17.15 -4.73 2.64
C PRO B 139 -17.20 -4.80 4.16
N GLU B 140 -18.40 -4.71 4.71
CA GLU B 140 -18.63 -4.77 6.16
C GLU B 140 -18.38 -6.16 6.76
N LYS B 141 -18.42 -7.19 5.90
CA LYS B 141 -18.10 -8.59 6.30
C LYS B 141 -16.71 -9.12 5.86
N ASP B 142 -15.88 -8.23 5.32
CA ASP B 142 -14.55 -8.60 4.81
C ASP B 142 -13.56 -8.72 5.98
N ALA B 143 -13.66 -9.83 6.72
CA ALA B 143 -12.86 -10.04 7.93
C ALA B 143 -11.35 -10.13 7.65
N ASP B 144 -10.96 -10.65 6.49
CA ASP B 144 -9.55 -10.70 6.12
C ASP B 144 -8.99 -9.39 5.62
N CYS B 145 -9.83 -8.38 5.41
CA CYS B 145 -9.37 -7.09 4.88
C CYS B 145 -8.67 -7.32 3.54
N LEU B 146 -9.32 -8.06 2.67
CA LEU B 146 -8.78 -8.36 1.35
C LEU B 146 -9.27 -7.37 0.27
N LEU B 147 -10.38 -6.67 0.55
CA LEU B 147 -10.98 -5.80 -0.44
C LEU B 147 -10.18 -4.50 -0.54
N PRO B 148 -9.98 -3.99 -1.77
CA PRO B 148 -9.34 -2.70 -1.95
C PRO B 148 -9.91 -1.61 -1.04
N VAL B 149 -11.23 -1.48 -0.95
CA VAL B 149 -11.81 -0.43 -0.09
C VAL B 149 -11.31 -0.57 1.35
N ASN B 150 -11.03 -1.77 1.82
CA ASN B 150 -10.54 -1.95 3.18
C ASN B 150 -8.99 -1.85 3.34
N VAL B 151 -8.26 -2.54 2.48
CA VAL B 151 -6.83 -2.49 2.52
C VAL B 151 -6.34 -1.05 2.18
N GLY B 152 -7.04 -0.36 1.29
CA GLY B 152 -6.69 1.02 0.95
C GLY B 152 -6.77 2.05 2.06
N GLN B 153 -7.19 1.63 3.26
CA GLN B 153 -7.31 2.50 4.44
C GLN B 153 -6.11 2.49 5.35
N LEU B 154 -5.28 1.48 5.23
CA LEU B 154 -4.27 1.22 6.25
C LEU B 154 -3.25 2.35 6.28
N HIS B 155 -3.04 3.00 5.14
CA HIS B 155 -2.00 4.03 5.05
C HIS B 155 -2.45 5.38 5.63
N ILE B 156 -3.75 5.52 5.89
CA ILE B 156 -4.27 6.76 6.47
C ILE B 156 -3.97 6.77 7.97
N ARG B 157 -2.98 7.53 8.39
CA ARG B 157 -2.60 7.50 9.80
C ARG B 157 -3.56 8.37 10.61
N GLU B 158 -4.21 9.34 9.96
CA GLU B 158 -5.15 10.23 10.62
C GLU B 158 -6.47 9.54 10.98
N ARG B 159 -6.68 8.31 10.53
CA ARG B 159 -7.89 7.54 10.84
C ARG B 159 -7.51 6.16 11.31
N ASN B 160 -8.21 5.60 12.29
CA ASN B 160 -7.91 4.20 12.64
C ASN B 160 -8.84 3.27 11.86
N PRO B 161 -8.25 2.32 11.11
CA PRO B 161 -9.08 1.49 10.25
C PRO B 161 -9.96 0.50 11.04
N ALA B 162 -11.17 0.26 10.54
CA ALA B 162 -12.08 -0.72 11.13
C ALA B 162 -11.46 -2.11 11.16
N ILE B 163 -10.95 -2.54 10.00
CA ILE B 163 -10.46 -3.90 9.80
C ILE B 163 -8.99 -3.82 9.40
N VAL B 164 -8.20 -4.76 9.90
CA VAL B 164 -6.82 -4.96 9.46
C VAL B 164 -6.61 -6.46 9.16
N PRO B 165 -5.81 -6.82 8.13
CA PRO B 165 -5.67 -8.23 7.82
C PRO B 165 -5.10 -8.99 9.03
N CYS B 166 -5.55 -10.22 9.21
CA CYS B 166 -5.36 -10.93 10.46
C CYS B 166 -3.87 -11.21 10.76
N THR B 167 -3.14 -11.66 9.74
CA THR B 167 -1.73 -12.01 9.92
C THR B 167 -0.93 -10.78 10.29
N ALA B 168 -1.14 -9.70 9.52
CA ALA B 168 -0.47 -8.41 9.81
C ALA B 168 -0.79 -7.97 11.20
N SER B 169 -2.07 -8.09 11.54
CA SER B 169 -2.50 -7.73 12.87
C SER B 169 -1.80 -8.53 14.00
N ALA B 170 -1.64 -9.84 13.78
CA ALA B 170 -0.99 -10.73 14.71
C ALA B 170 0.48 -10.31 14.92
N VAL B 171 1.17 -9.90 13.85
CA VAL B 171 2.55 -9.45 13.95
C VAL B 171 2.62 -8.23 14.86
N MET B 172 1.72 -7.28 14.62
CA MET B 172 1.73 -6.06 15.40
C MET B 172 1.40 -6.38 16.86
N GLU B 173 0.50 -7.32 17.07
CA GLU B 173 0.17 -7.74 18.44
C GLU B 173 1.37 -8.42 19.15
N LEU B 174 2.13 -9.23 18.41
CA LEU B 174 3.31 -9.83 19.00
C LEU B 174 4.42 -8.82 19.29
N LEU B 175 4.58 -7.80 18.43
CA LEU B 175 5.49 -6.67 18.75
C LEU B 175 5.05 -5.88 20.00
N ARG B 176 3.76 -5.69 20.13
CA ARG B 176 3.18 -5.03 21.32
C ARG B 176 3.50 -5.84 22.59
N CYS B 177 3.34 -7.16 22.50
CA CYS B 177 3.62 -8.06 23.60
CA CYS B 177 3.62 -8.07 23.60
C CYS B 177 5.10 -8.00 24.00
N SER B 178 5.99 -7.97 22.99
CA SER B 178 7.40 -7.83 23.25
C SER B 178 7.63 -6.51 24.01
N GLY B 179 6.99 -5.46 23.51
CA GLY B 179 7.20 -4.10 24.01
C GLY B 179 8.40 -3.37 23.39
N VAL B 180 8.97 -3.88 22.30
CA VAL B 180 10.08 -3.17 21.64
C VAL B 180 9.64 -1.84 21.01
N GLU B 181 10.55 -0.87 21.02
CA GLU B 181 10.33 0.40 20.35
C GLU B 181 10.35 0.15 18.84
N ILE B 182 9.49 0.85 18.12
CA ILE B 182 9.44 0.76 16.66
C ILE B 182 9.86 2.08 15.96
N CYS B 183 9.47 3.21 16.53
CA CYS B 183 9.77 4.53 15.98
C CYS B 183 11.26 4.80 15.85
N GLY B 184 11.71 5.14 14.64
CA GLY B 184 13.13 5.41 14.42
C GLY B 184 13.95 4.17 14.14
N LYS B 185 13.34 2.99 14.20
CA LYS B 185 14.07 1.73 14.07
C LYS B 185 14.09 1.27 12.63
N ARG B 186 15.08 0.47 12.30
CA ARG B 186 15.16 -0.11 10.98
C ARG B 186 14.43 -1.45 10.95
N VAL B 187 13.50 -1.59 10.02
CA VAL B 187 12.65 -2.77 9.90
C VAL B 187 12.85 -3.39 8.54
N VAL B 188 12.99 -4.72 8.49
CA VAL B 188 12.90 -5.46 7.23
C VAL B 188 11.71 -6.40 7.26
N VAL B 189 10.93 -6.34 6.19
CA VAL B 189 9.84 -7.24 5.95
C VAL B 189 10.27 -8.06 4.72
N LEU B 190 10.31 -9.39 4.87
CA LEU B 190 10.58 -10.28 3.76
C LEU B 190 9.23 -10.85 3.27
N GLY B 191 8.95 -10.64 1.99
CA GLY B 191 7.69 -11.07 1.39
C GLY B 191 6.68 -9.95 1.32
N ARG B 192 5.77 -10.04 0.38
CA ARG B 192 4.80 -8.98 0.15
C ARG B 192 3.42 -9.55 -0.14
N GLY B 193 3.01 -10.56 0.64
CA GLY B 193 1.70 -11.18 0.50
C GLY B 193 0.55 -10.27 0.93
N ASP B 194 -0.56 -10.35 0.19
CA ASP B 194 -1.70 -9.43 0.40
C ASP B 194 -2.24 -9.35 1.83
N ILE B 195 -2.19 -10.45 2.58
CA ILE B 195 -2.64 -10.44 3.99
C ILE B 195 -1.51 -10.51 5.03
N ALA B 196 -0.26 -10.57 4.56
CA ALA B 196 0.88 -10.64 5.46
C ALA B 196 1.90 -9.54 5.16
N GLY B 197 2.86 -9.81 4.28
CA GLY B 197 3.98 -8.88 4.03
C GLY B 197 3.53 -7.47 3.64
N LEU B 198 2.61 -7.39 2.67
CA LEU B 198 2.13 -6.12 2.15
C LEU B 198 1.54 -5.23 3.26
N PRO B 199 0.45 -5.68 3.92
CA PRO B 199 -0.13 -4.80 4.94
C PRO B 199 0.81 -4.47 6.11
N VAL B 200 1.61 -5.43 6.52
CA VAL B 200 2.48 -5.21 7.68
C VAL B 200 3.57 -4.12 7.47
N ALA B 201 4.11 -4.02 6.26
CA ALA B 201 5.08 -3.00 5.93
C ALA B 201 4.45 -1.62 6.16
N THR B 202 3.19 -1.48 5.73
CA THR B 202 2.42 -0.25 5.92
C THR B 202 2.21 0.06 7.38
N LEU B 203 1.85 -0.94 8.17
CA LEU B 203 1.56 -0.70 9.57
C LEU B 203 2.83 -0.35 10.31
N LEU B 204 3.96 -0.97 9.93
CA LEU B 204 5.26 -0.65 10.53
C LEU B 204 5.72 0.78 10.23
N ALA B 205 5.61 1.21 8.97
CA ALA B 205 5.91 2.58 8.59
C ALA B 205 5.01 3.61 9.31
N ASN B 206 3.72 3.30 9.50
CA ASN B 206 2.82 4.17 10.29
C ASN B 206 3.33 4.39 11.71
N GLU B 207 4.03 3.42 12.29
CA GLU B 207 4.67 3.58 13.61
C GLU B 207 6.05 4.28 13.50
N ASP B 208 6.36 4.88 12.35
CA ASP B 208 7.63 5.56 12.13
C ASP B 208 8.88 4.69 12.12
N ALA B 209 8.75 3.43 11.75
CA ALA B 209 9.93 2.65 11.40
C ALA B 209 10.36 3.06 9.98
N THR B 210 11.64 2.83 9.70
CA THR B 210 12.21 2.88 8.34
C THR B 210 12.20 1.47 7.76
N VAL B 211 11.26 1.21 6.87
CA VAL B 211 10.96 -0.13 6.40
C VAL B 211 11.66 -0.45 5.09
N THR B 212 12.29 -1.59 5.03
CA THR B 212 12.81 -2.09 3.78
C THR B 212 12.06 -3.37 3.49
N VAL B 213 11.63 -3.54 2.25
CA VAL B 213 10.96 -4.73 1.79
C VAL B 213 11.85 -5.49 0.83
N VAL B 214 11.89 -6.80 1.05
CA VAL B 214 12.74 -7.72 0.33
C VAL B 214 11.87 -8.96 -0.02
N HIS B 215 12.37 -9.81 -0.92
CA HIS B 215 11.66 -11.02 -1.36
C HIS B 215 12.48 -12.28 -1.16
N SER B 216 11.84 -13.47 -1.15
CA SER B 216 12.62 -14.71 -0.93
C SER B 216 13.73 -14.91 -1.96
N ALA B 217 13.47 -14.47 -3.19
CA ALA B 217 14.43 -14.62 -4.26
C ALA B 217 15.24 -13.37 -4.53
N THR B 218 15.14 -12.37 -3.66
CA THR B 218 16.02 -11.20 -3.70
C THR B 218 17.49 -11.69 -3.55
N PRO B 219 18.46 -11.07 -4.27
CA PRO B 219 19.83 -11.55 -4.08
C PRO B 219 20.24 -11.65 -2.60
N LEU B 220 20.80 -12.79 -2.26
CA LEU B 220 21.10 -13.15 -0.89
C LEU B 220 22.06 -12.20 -0.21
N CYS B 221 23.01 -11.66 -0.96
CA CYS B 221 23.96 -10.72 -0.40
C CYS B 221 23.24 -9.45 0.10
N ASP B 222 22.20 -9.04 -0.63
CA ASP B 222 21.38 -7.90 -0.23
C ASP B 222 20.52 -8.21 1.00
N ILE B 223 19.91 -9.40 1.02
CA ILE B 223 19.05 -9.76 2.12
C ILE B 223 19.92 -9.76 3.40
N ALA B 224 21.09 -10.38 3.29
CA ALA B 224 22.01 -10.47 4.43
C ALA B 224 22.38 -9.09 4.97
N ASP B 225 22.78 -8.23 4.05
CA ASP B 225 23.13 -6.86 4.38
C ASP B 225 21.96 -6.12 5.06
N ILE B 226 20.75 -6.31 4.54
CA ILE B 226 19.59 -5.62 5.03
C ILE B 226 19.22 -6.16 6.42
N VAL B 227 19.18 -7.50 6.56
CA VAL B 227 18.84 -8.13 7.85
C VAL B 227 19.86 -7.70 8.92
N ARG B 228 21.13 -7.63 8.55
CA ARG B 228 22.20 -7.27 9.49
CA ARG B 228 22.18 -7.30 9.53
C ARG B 228 21.99 -5.88 10.09
N ALA B 229 21.34 -5.02 9.32
CA ALA B 229 21.14 -3.67 9.76
C ALA B 229 19.77 -3.48 10.45
N SER B 230 18.95 -4.52 10.54
CA SER B 230 17.59 -4.32 10.97
C SER B 230 17.39 -4.59 12.47
N ASP B 231 16.75 -3.65 13.15
CA ASP B 231 16.31 -3.80 14.53
C ASP B 231 15.12 -4.74 14.68
N ILE B 232 14.30 -4.86 13.63
CA ILE B 232 13.13 -5.70 13.66
C ILE B 232 13.02 -6.46 12.35
N VAL B 233 12.84 -7.78 12.46
CA VAL B 233 12.72 -8.64 11.29
C VAL B 233 11.33 -9.30 11.28
N VAL B 234 10.58 -9.06 10.22
CA VAL B 234 9.34 -9.73 9.96
C VAL B 234 9.45 -10.51 8.68
N SER B 235 9.58 -11.82 8.83
CA SER B 235 9.74 -12.71 7.71
C SER B 235 8.44 -13.42 7.34
N ALA B 236 7.95 -13.14 6.14
CA ALA B 236 6.69 -13.69 5.65
C ALA B 236 6.83 -14.08 4.19
N ALA B 237 7.91 -14.77 3.89
CA ALA B 237 8.24 -15.13 2.52
C ALA B 237 7.91 -16.57 2.19
N GLY B 238 7.74 -17.43 3.20
CA GLY B 238 7.35 -18.84 2.97
C GLY B 238 8.49 -19.60 2.32
N GLN B 239 9.65 -19.51 2.96
CA GLN B 239 10.86 -20.12 2.45
C GLN B 239 11.64 -20.58 3.67
N PRO B 240 11.63 -21.89 3.95
CA PRO B 240 12.31 -22.33 5.17
C PRO B 240 13.80 -22.09 5.16
N GLY B 241 14.31 -21.61 6.29
CA GLY B 241 15.74 -21.35 6.41
C GLY B 241 16.24 -20.18 5.60
N LEU B 242 15.33 -19.30 5.18
CA LEU B 242 15.72 -18.16 4.38
C LEU B 242 16.57 -17.20 5.22
N VAL B 243 16.10 -16.88 6.41
CA VAL B 243 16.80 -15.95 7.30
C VAL B 243 17.79 -16.70 8.17
N ARG B 244 19.06 -16.63 7.77
CA ARG B 244 20.17 -17.18 8.54
C ARG B 244 20.31 -16.52 9.89
N GLY B 245 20.53 -17.32 10.92
CA GLY B 245 20.71 -16.79 12.25
C GLY B 245 21.82 -15.78 12.45
N GLU B 246 22.90 -15.98 11.69
CA GLU B 246 24.10 -15.18 11.88
C GLU B 246 23.93 -13.79 11.26
N TRP B 247 22.91 -13.61 10.43
CA TRP B 247 22.61 -12.26 9.95
C TRP B 247 21.90 -11.41 10.99
N ILE B 248 21.31 -12.02 11.99
CA ILE B 248 20.44 -11.28 12.90
C ILE B 248 21.27 -10.33 13.71
N LYS B 249 20.85 -9.06 13.77
CA LYS B 249 21.50 -8.03 14.56
C LYS B 249 21.29 -8.31 16.04
N LEU B 250 22.36 -8.17 16.81
CA LEU B 250 22.32 -8.49 18.22
C LEU B 250 21.25 -7.63 18.89
N GLY B 251 20.31 -8.27 19.58
CA GLY B 251 19.23 -7.54 20.25
C GLY B 251 18.02 -7.25 19.37
N ALA B 252 18.00 -7.78 18.14
CA ALA B 252 16.85 -7.59 17.26
C ALA B 252 15.57 -8.29 17.75
N ALA B 253 14.41 -7.87 17.24
CA ALA B 253 13.17 -8.60 17.46
C ALA B 253 12.79 -9.27 16.15
N VAL B 254 12.56 -10.58 16.19
CA VAL B 254 12.40 -11.37 14.99
C VAL B 254 11.04 -12.05 15.07
N ILE B 255 10.19 -11.77 14.07
CA ILE B 255 8.84 -12.28 14.00
C ILE B 255 8.76 -13.17 12.77
N ASP B 256 8.58 -14.46 13.00
CA ASP B 256 8.58 -15.46 11.96
C ASP B 256 7.17 -15.85 11.52
N VAL B 257 6.74 -15.32 10.40
CA VAL B 257 5.42 -15.58 9.82
C VAL B 257 5.39 -16.79 8.87
N GLY B 258 6.55 -17.28 8.44
CA GLY B 258 6.59 -18.43 7.56
C GLY B 258 5.86 -19.64 8.13
N THR B 259 5.10 -20.34 7.30
CA THR B 259 4.48 -21.60 7.70
C THR B 259 4.56 -22.51 6.49
N THR B 260 5.76 -23.01 6.16
CA THR B 260 5.92 -23.81 4.97
C THR B 260 5.92 -25.33 5.28
N PRO B 261 5.06 -26.11 4.62
CA PRO B 261 5.13 -27.57 4.75
C PRO B 261 6.50 -28.13 4.27
N VAL B 262 7.14 -28.94 5.12
CA VAL B 262 8.40 -29.59 4.79
C VAL B 262 8.26 -31.07 5.12
N ALA B 263 8.65 -31.94 4.17
CA ALA B 263 8.41 -33.38 4.32
C ALA B 263 8.97 -33.93 5.63
N ASP B 264 8.11 -34.66 6.35
CA ASP B 264 8.49 -35.35 7.57
C ASP B 264 7.61 -36.61 7.71
N PRO B 265 8.13 -37.77 7.30
CA PRO B 265 7.28 -38.96 7.35
C PRO B 265 6.74 -39.34 8.75
N SER B 266 7.33 -38.83 9.82
CA SER B 266 6.81 -39.14 11.16
C SER B 266 5.50 -38.37 11.54
N LYS B 267 5.13 -37.30 10.82
CA LYS B 267 3.96 -36.48 11.21
C LYS B 267 2.69 -36.91 10.50
N VAL B 268 1.56 -36.57 11.13
CA VAL B 268 0.23 -36.99 10.66
C VAL B 268 -0.01 -36.75 9.16
N PRO B 269 0.21 -35.54 8.65
CA PRO B 269 -0.02 -35.36 7.21
C PRO B 269 1.24 -35.59 6.32
N GLY B 270 2.35 -36.09 6.88
CA GLY B 270 3.60 -36.30 6.13
C GLY B 270 4.49 -35.07 6.00
N TYR B 271 4.11 -33.98 6.65
CA TYR B 271 4.94 -32.78 6.67
C TYR B 271 4.89 -32.13 8.04
N ARG B 272 5.90 -31.31 8.29
CA ARG B 272 5.92 -30.42 9.44
C ARG B 272 5.90 -28.99 8.87
N LEU B 273 5.46 -28.04 9.69
CA LEU B 273 5.53 -26.61 9.36
C LEU B 273 6.83 -26.00 9.82
N VAL B 274 7.55 -25.38 8.88
CA VAL B 274 8.86 -24.80 9.14
C VAL B 274 8.81 -23.31 8.80
N GLY B 275 9.33 -22.50 9.73
CA GLY B 275 9.35 -21.07 9.59
C GLY B 275 10.43 -20.63 8.63
N ASP B 276 10.45 -19.33 8.33
CA ASP B 276 11.49 -18.72 7.50
C ASP B 276 12.84 -18.58 8.18
N VAL B 277 12.85 -18.57 9.51
CA VAL B 277 14.05 -18.23 10.28
C VAL B 277 14.78 -19.49 10.79
N CYS B 278 16.10 -19.48 10.66
CA CYS B 278 16.96 -20.46 11.36
C CYS B 278 16.96 -20.16 12.86
N PHE B 279 15.95 -20.67 13.54
CA PHE B 279 15.63 -20.30 14.91
C PHE B 279 16.73 -20.66 15.89
N ASP B 280 17.35 -21.82 15.67
CA ASP B 280 18.33 -22.32 16.63
C ASP B 280 19.52 -21.36 16.76
N VAL B 281 19.96 -20.78 15.65
CA VAL B 281 21.04 -19.78 15.68
C VAL B 281 20.49 -18.39 16.02
N ALA B 282 19.34 -18.04 15.43
CA ALA B 282 18.72 -16.70 15.65
C ALA B 282 18.43 -16.42 17.11
N ARG B 283 17.99 -17.45 17.85
CA ARG B 283 17.66 -17.29 19.27
C ARG B 283 18.88 -16.94 20.13
N LYS B 284 20.09 -17.16 19.66
CA LYS B 284 21.26 -16.76 20.46
C LYS B 284 21.61 -15.31 20.28
N ARG B 285 21.04 -14.64 19.29
CA ARG B 285 21.45 -13.28 18.96
C ARG B 285 20.33 -12.24 19.16
N ALA B 286 19.08 -12.64 18.86
CA ALA B 286 17.91 -11.79 19.02
C ALA B 286 17.58 -11.51 20.48
N ALA B 287 16.93 -10.38 20.71
CA ALA B 287 16.34 -10.13 22.02
C ALA B 287 15.02 -10.86 22.14
N TYR B 288 14.27 -10.89 21.05
CA TYR B 288 12.95 -11.55 20.99
C TYR B 288 12.82 -12.32 19.68
N ILE B 289 12.15 -13.45 19.75
CA ILE B 289 11.92 -14.27 18.59
C ILE B 289 10.61 -15.05 18.78
N THR B 290 9.93 -15.37 17.67
CA THR B 290 8.75 -16.23 17.75
C THR B 290 9.01 -17.56 17.04
N PRO B 291 8.50 -18.68 17.63
CA PRO B 291 8.70 -19.99 17.10
C PRO B 291 7.63 -20.34 16.07
N VAL B 292 7.94 -21.34 15.26
CA VAL B 292 7.02 -21.92 14.30
C VAL B 292 7.11 -23.44 14.43
N PRO B 293 5.99 -24.11 14.77
CA PRO B 293 4.65 -23.57 15.08
C PRO B 293 4.61 -22.90 16.43
N GLY B 294 3.51 -22.22 16.71
CA GLY B 294 3.21 -21.70 18.03
C GLY B 294 3.51 -20.25 18.27
N GLY B 295 3.73 -19.47 17.19
CA GLY B 295 4.06 -18.05 17.31
C GLY B 295 2.99 -17.22 16.66
N VAL B 296 3.21 -16.84 15.41
CA VAL B 296 2.27 -15.97 14.72
C VAL B 296 0.91 -16.66 14.44
N GLY B 297 0.95 -17.95 14.13
CA GLY B 297 -0.22 -18.66 13.69
C GLY B 297 -1.42 -18.64 14.62
N PRO B 298 -1.21 -18.97 15.90
CA PRO B 298 -2.37 -18.96 16.78
C PRO B 298 -2.95 -17.55 16.95
N VAL B 299 -2.06 -16.55 16.97
CA VAL B 299 -2.50 -15.16 17.10
C VAL B 299 -3.23 -14.67 15.85
N THR B 300 -2.82 -15.15 14.68
CA THR B 300 -3.56 -14.89 13.46
C THR B 300 -5.04 -15.33 13.57
N VAL B 301 -5.28 -16.51 14.13
CA VAL B 301 -6.65 -16.97 14.38
C VAL B 301 -7.38 -16.04 15.34
N SER B 302 -6.69 -15.63 16.41
CA SER B 302 -7.28 -14.74 17.41
C SER B 302 -7.65 -13.37 16.84
N MET B 303 -6.84 -12.87 15.92
CA MET B 303 -7.15 -11.59 15.29
C MET B 303 -8.37 -11.64 14.37
N LEU B 304 -8.63 -12.78 13.76
CA LEU B 304 -9.81 -12.97 12.93
C LEU B 304 -11.04 -12.87 13.82
N LEU B 305 -10.97 -13.46 15.01
CA LEU B 305 -12.06 -13.43 15.98
C LEU B 305 -12.26 -12.00 16.50
N LYS B 306 -11.16 -11.27 16.70
CA LYS B 306 -11.22 -9.87 17.10
C LYS B 306 -11.92 -9.00 16.02
N ASN B 307 -11.46 -9.08 14.78
CA ASN B 307 -12.09 -8.38 13.67
C ASN B 307 -13.59 -8.66 13.63
N THR B 308 -13.93 -9.94 13.78
CA THR B 308 -15.31 -10.39 13.71
C THR B 308 -16.18 -9.81 14.83
N LEU B 309 -15.64 -9.79 16.05
CA LEU B 309 -16.34 -9.17 17.17
C LEU B 309 -16.49 -7.65 16.97
N THR B 310 -15.45 -7.01 16.43
CA THR B 310 -15.53 -5.60 16.07
C THR B 310 -16.63 -5.37 15.02
N MET B 311 -16.67 -6.24 14.00
CA MET B 311 -17.70 -6.13 12.95
C MET B 311 -19.11 -6.39 13.52
N PHE B 312 -19.22 -7.41 14.39
CA PHE B 312 -20.46 -7.69 15.08
C PHE B 312 -20.94 -6.43 15.81
N LYS B 313 -20.08 -5.82 16.62
CA LYS B 313 -20.49 -4.64 17.41
C LYS B 313 -20.93 -3.48 16.52
N ARG B 314 -20.20 -3.24 15.43
CA ARG B 314 -20.55 -2.18 14.50
C ARG B 314 -21.94 -2.41 13.93
N SER B 315 -22.21 -3.64 13.47
CA SER B 315 -23.53 -3.95 12.89
C SER B 315 -24.68 -3.86 13.90
N VAL B 316 -24.41 -4.18 15.16
CA VAL B 316 -25.42 -4.12 16.22
C VAL B 316 -25.71 -2.68 16.68
N ARG B 317 -24.81 -1.75 16.43
CA ARG B 317 -25.12 -0.33 16.63
C ARG B 317 -26.11 0.09 15.54
N ALA B 318 -27.40 0.10 15.87
CA ALA B 318 -28.46 0.35 14.88
C ALA B 318 -29.46 1.33 15.45
C1 GOL C . 19.18 22.26 -12.08
O1 GOL C . 18.65 21.33 -13.07
C2 GOL C . 20.42 22.99 -12.57
O2 GOL C . 21.50 22.85 -11.60
C3 GOL C . 20.13 24.48 -12.92
O3 GOL C . 20.56 25.42 -11.90
C1 PEG D . -4.50 9.55 1.06
O1 PEG D . -4.48 8.71 -0.12
C2 PEG D . -5.40 10.78 0.92
O2 PEG D . -6.59 10.58 1.71
C3 PEG D . -7.77 10.32 0.94
C4 PEG D . -8.80 9.65 1.85
O4 PEG D . -10.12 10.27 1.82
N2A 9L9 E . -4.26 16.89 -6.11
N1 9L9 E . -2.05 17.91 -5.80
C2 9L9 E . -2.85 17.07 -6.48
N3 9L9 E . -2.44 16.36 -7.58
C4 9L9 E . -1.12 16.53 -7.99
O4A 9L9 E . -0.81 15.83 -9.00
N5A 9L9 E . 0.99 17.63 -7.83
C5 9L9 E . -0.24 17.38 -7.30
C6 9L9 E . -0.77 18.07 -6.22
N7 9L9 E . 0.07 18.97 -5.45
O8A 9L9 E . 0.36 18.86 -9.64
N9 9L9 E . 2.55 18.53 -9.18
C1B 9L9 E . 3.14 19.18 -10.23
C2B 9L9 E . 4.51 19.37 -10.17
C3B 9L9 E . 5.19 20.02 -11.21
C4B 9L9 E . 4.51 20.43 -12.35
C5B 9L9 E . 3.15 20.16 -12.45
C6B 9L9 E . 2.48 19.53 -11.41
C7B 9L9 E . 5.27 21.07 -13.46
O7B 9L9 E . 4.90 20.90 -14.60
CAW 9L9 E . 1.21 18.40 -8.93
N 9L9 E . 6.38 21.73 -13.17
CA 9L9 E . 7.24 22.31 -14.16
C 9L9 E . 8.43 21.37 -14.27
OXT 9L9 E . 8.73 20.62 -13.30
CB 9L9 E . 7.65 23.73 -13.77
CG 9L9 E . 6.56 24.74 -14.09
CD 9L9 E . 7.01 26.14 -13.73
OE1 9L9 E . 6.92 27.01 -14.61
OE2 9L9 E . 7.42 26.39 -12.57
O 9L9 E . 9.07 21.35 -15.34
PA NAP F . 4.76 16.14 1.70
O1A NAP F . 5.52 17.34 1.18
O2A NAP F . 4.09 16.24 3.06
O5B NAP F . 5.81 14.93 1.75
C5B NAP F . 7.11 15.14 2.29
C4B NAP F . 7.62 13.76 2.67
O4B NAP F . 9.05 13.77 2.78
C3B NAP F . 7.02 13.34 4.00
O3B NAP F . 6.79 11.94 3.98
C2B NAP F . 8.11 13.69 5.00
O2B NAP F . 8.20 12.83 6.13
C1B NAP F . 9.37 13.51 4.15
N9A NAP F . 10.46 14.38 4.55
C8A NAP F . 10.44 15.73 4.56
N7A NAP F . 11.63 16.23 4.95
C5A NAP F . 12.44 15.18 5.18
C6A NAP F . 13.83 15.00 5.61
N6A NAP F . 14.59 16.07 5.88
N1A NAP F . 14.30 13.74 5.74
C2A NAP F . 13.53 12.67 5.48
N3A NAP F . 12.26 12.76 5.06
C4A NAP F . 11.67 13.96 4.92
O3 NAP F . 3.71 15.55 0.61
PN NAP F . 3.96 15.39 -0.99
O1N NAP F . 3.33 16.61 -1.68
O2N NAP F . 3.50 14.01 -1.41
O5D NAP F . 5.57 15.48 -1.24
C5D NAP F . 6.14 15.26 -2.55
C4D NAP F . 7.21 16.28 -2.96
O4D NAP F . 7.07 16.65 -4.35
C3D NAP F . 7.11 17.58 -2.19
O3D NAP F . 7.93 17.53 -1.02
C2D NAP F . 7.49 18.67 -3.19
O2D NAP F . 8.88 19.00 -3.29
C1D NAP F . 6.99 18.08 -4.50
N1N NAP F . 5.61 18.55 -4.80
C2N NAP F . 5.18 19.81 -4.41
C3N NAP F . 3.89 20.26 -4.68
C7N NAP F . 3.41 21.62 -4.22
O7N NAP F . 2.97 22.46 -4.97
N7N NAP F . 3.43 21.84 -2.92
C4N NAP F . 3.03 19.42 -5.33
C5N NAP F . 3.46 18.15 -5.72
C6N NAP F . 4.76 17.72 -5.46
P2B NAP F . 7.03 12.56 7.23
O1X NAP F . 7.83 11.91 8.35
O2X NAP F . 6.49 13.92 7.54
O3X NAP F . 6.06 11.61 6.60
N2A 9L9 G . -8.48 -15.97 3.70
N1 9L9 G . -6.41 -17.19 3.94
C2 9L9 G . -7.28 -16.31 4.48
N3 9L9 G . -7.08 -15.71 5.71
C4 9L9 G . -5.88 -16.13 6.32
O4A 9L9 G . -5.71 -15.58 7.40
N5A 9L9 G . -3.89 -17.51 6.53
C5 9L9 G . -4.95 -17.02 5.78
C6 9L9 G . -5.27 -17.56 4.57
N7 9L9 G . -4.36 -18.51 3.94
O8A 9L9 G . -5.14 -18.56 8.12
N9 9L9 G . -2.90 -18.70 8.18
C1B 9L9 G . -2.75 -19.45 9.32
C2B 9L9 G . -1.47 -19.97 9.59
C3B 9L9 G . -1.21 -20.75 10.71
C4B 9L9 G . -2.22 -21.05 11.62
C5B 9L9 G . -3.50 -20.48 11.38
C6B 9L9 G . -3.76 -19.70 10.25
C7B 9L9 G . -1.92 -21.85 12.87
O7B 9L9 G . -2.59 -21.62 13.85
CAW 9L9 G . -4.06 -18.29 7.62
N 9L9 G . -0.88 -22.71 12.96
CA 9L9 G . -0.46 -23.41 14.16
C 9L9 G . 0.78 -22.73 14.69
OXT 9L9 G . 1.45 -22.08 13.88
CB 9L9 G . -0.06 -24.85 13.95
CG 9L9 G . -0.76 -25.47 12.75
CD 9L9 G . -0.62 -26.95 12.83
OE1 9L9 G . -1.04 -27.52 13.85
OE2 9L9 G . -0.11 -27.56 11.88
O 9L9 G . 1.13 -22.85 15.89
#